data_6F9R
#
_entry.id   6F9R
#
_cell.length_a   72.591
_cell.length_b   76.966
_cell.length_c   82.637
_cell.angle_alpha   88.43
_cell.angle_beta   64.40
_cell.angle_gamma   75.32
#
_symmetry.space_group_name_H-M   'P 1'
#
loop_
_entity.id
_entity.type
_entity.pdbx_description
1 polymer 'Angiotensin-converting enzyme'
2 branched alpha-L-fucopyranose-(1-6)-2-acetamido-2-deoxy-beta-D-glucopyranose
3 branched beta-D-mannopyranose-(1-4)-2-acetamido-2-deoxy-beta-D-glucopyranose-(1-4)-[alpha-L-fucopyranose-(1-6)]2-acetamido-2-deoxy-beta-D-glucopyranose
4 branched 2-acetamido-2-deoxy-beta-D-glucopyranose-(1-4)-2-acetamido-2-deoxy-beta-D-glucopyranose
5 branched 2-acetamido-2-deoxy-beta-D-glucopyranose-(1-4)-[alpha-L-fucopyranose-(1-6)]2-acetamido-2-deoxy-beta-D-glucopyranose
6 non-polymer 'ZINC ION'
7 non-polymer Sampatrilat-Asp
8 non-polymer 'CHLORIDE ION'
9 non-polymer DI(HYDROXYETHYL)ETHER
10 non-polymer 'TETRAETHYLENE GLYCOL'
11 non-polymer 'MAGNESIUM ION'
12 non-polymer 1,2-ETHANEDIOL
13 non-polymer 'ACETATE ION'
14 non-polymer 3,6,9,12,15,18,21-HEPTAOXATRICOSANE-1,23-DIOL
15 water water
#
_entity_poly.entity_id   1
_entity_poly.type   'polypeptide(L)'
_entity_poly.pdbx_seq_one_letter_code
;LDPGLQPGQFSADEAGAQLFAQSYQSSAEQVLFQSVAASWAHDTNITAENARRQEEAALLSQEFAEAWGQKAKELYEPIW
QQFTDPQLRRIIGAVRTLGSANLPLAKRQQYNALLSQMSRIYSTAKVCLPNKTATCWSLDPDLTNILASSRSYAMLLFAW
EGWHNAAGIPLKPLYEDFTALSNEAYKQDGFTDTGAYWRSWYNSPTFEDDLEHLYQQLEPLYLNLHAFVRRALHRRYGDR
YINLRGPIPAHLLGDMWAQSWENIYDMVVPFPDKPNLDVTSTMLQQGWQATHMFRVAEEFFTSLELSPMPPEFWEGSMLE
KPADGREVVCHASAWDFYNRKDFRIKQCTRVTMDQLSTVHHEMGHIQYYLQYKDLPVSLRRGANPGFHEAIGDVLALSVS
TPEHLHKIGLLDRVTNDTESDINYLLKMALEKIAFLPFGYLVDQWRWGVFSGRTPPSRYNFDWWYLRTKYQGICPPVTRN
ETHFDAGAKFHVPNVTPYIRYFVSFVLQFQFHEALCKEAGYEGPLHQCDIYRSTKAGAKLRKVLRAGSSRPWQEVLKDMV
GLDALDAQPLLKYFQLVTQWLQEQNQQNGEVLGWPEYQWHPPLPDNYPEGIDLVTDEAEASKFVEEYDL
;
_entity_poly.pdbx_strand_id   A,B
#
# COMPACT_ATOMS: atom_id res chain seq x y z
N LEU A 1 0.65 18.78 42.89
CA LEU A 1 1.80 19.05 42.03
C LEU A 1 2.68 20.10 42.71
N ASP A 2 3.97 20.06 42.43
CA ASP A 2 4.92 20.91 43.13
C ASP A 2 5.01 22.28 42.48
N PRO A 3 4.77 23.36 43.22
CA PRO A 3 5.05 24.71 42.68
C PRO A 3 6.45 24.88 42.14
N GLY A 4 7.46 24.31 42.81
CA GLY A 4 8.83 24.41 42.34
C GLY A 4 9.08 23.76 41.00
N LEU A 5 8.13 22.98 40.49
CA LEU A 5 8.21 22.41 39.15
C LEU A 5 7.40 23.19 38.12
N GLN A 6 6.46 24.03 38.57
CA GLN A 6 5.64 24.81 37.65
C GLN A 6 6.46 25.95 37.07
N PRO A 7 6.18 26.36 35.84
CA PRO A 7 7.09 27.26 35.12
C PRO A 7 6.98 28.71 35.61
N GLY A 8 8.12 29.37 35.66
CA GLY A 8 8.16 30.79 35.97
C GLY A 8 7.81 31.63 34.76
N GLN A 9 7.91 32.95 34.94
CA GLN A 9 7.64 33.88 33.87
C GLN A 9 8.94 34.34 33.23
N PHE A 10 8.96 34.40 31.91
CA PHE A 10 10.16 34.71 31.14
C PHE A 10 9.78 35.68 30.04
N SER A 11 10.73 36.55 29.69
CA SER A 11 10.50 37.47 28.59
C SER A 11 10.26 36.70 27.29
N ALA A 12 9.41 37.25 26.43
CA ALA A 12 9.00 36.59 25.19
C ALA A 12 9.97 36.91 24.06
N ASP A 13 11.23 36.50 24.26
CA ASP A 13 12.25 36.62 23.23
C ASP A 13 13.30 35.54 23.49
N GLU A 14 14.31 35.50 22.60
CA GLU A 14 15.29 34.41 22.66
C GLU A 14 16.09 34.44 23.95
N ALA A 15 16.42 35.63 24.45
CA ALA A 15 17.14 35.73 25.71
C ALA A 15 16.34 35.10 26.86
N GLY A 16 15.06 35.49 26.98
CA GLY A 16 14.21 34.86 27.97
C GLY A 16 14.01 33.38 27.71
N ALA A 17 13.97 32.98 26.43
CA ALA A 17 13.80 31.57 26.11
C ALA A 17 15.02 30.75 26.52
N GLN A 18 16.23 31.33 26.45
CA GLN A 18 17.42 30.62 26.90
C GLN A 18 17.37 30.37 28.41
N LEU A 19 16.84 31.32 29.17
CA LEU A 19 16.64 31.09 30.59
C LEU A 19 15.47 30.15 30.82
N PHE A 20 14.45 30.24 29.96
CA PHE A 20 13.30 29.33 30.05
C PHE A 20 13.75 27.88 29.92
N ALA A 21 14.64 27.60 28.96
CA ALA A 21 15.10 26.24 28.75
C ALA A 21 15.86 25.71 29.97
N GLN A 22 16.67 26.56 30.60
CA GLN A 22 17.43 26.12 31.78
C GLN A 22 16.48 25.71 32.90
N SER A 23 15.48 26.55 33.18
N SER A 23 15.49 26.54 33.19
CA SER A 23 14.52 26.23 34.24
CA SER A 23 14.53 26.21 34.24
C SER A 23 13.73 24.97 33.89
C SER A 23 13.73 24.97 33.89
N TYR A 24 13.41 24.80 32.61
CA TYR A 24 12.74 23.58 32.17
C TYR A 24 13.60 22.36 32.45
N GLN A 25 14.84 22.36 31.92
CA GLN A 25 15.77 21.26 32.15
C GLN A 25 15.99 21.01 33.63
N SER A 26 16.04 22.09 34.42
CA SER A 26 16.24 21.95 35.87
C SER A 26 15.14 21.09 36.48
N SER A 27 13.89 21.41 36.17
CA SER A 27 12.79 20.70 36.80
C SER A 27 12.48 19.38 36.10
N ALA A 28 12.84 19.26 34.82
CA ALA A 28 12.56 18.02 34.10
C ALA A 28 13.34 16.86 34.69
N GLU A 29 14.58 17.11 35.13
CA GLU A 29 15.39 16.04 35.71
C GLU A 29 14.68 15.40 36.91
N GLN A 30 14.11 16.21 37.79
CA GLN A 30 13.39 15.67 38.93
C GLN A 30 12.17 14.88 38.47
N VAL A 31 11.50 15.34 37.41
CA VAL A 31 10.32 14.64 36.92
C VAL A 31 10.74 13.36 36.21
N LEU A 32 11.75 13.43 35.35
CA LEU A 32 12.21 12.24 34.65
C LEU A 32 12.69 11.17 35.63
N PHE A 33 13.43 11.58 36.67
CA PHE A 33 13.96 10.59 37.59
C PHE A 33 12.85 9.83 38.28
N GLN A 34 11.77 10.51 38.67
CA GLN A 34 10.70 9.80 39.38
C GLN A 34 9.90 8.91 38.44
N SER A 35 9.85 9.24 37.16
CA SER A 35 9.22 8.35 36.18
C SER A 35 10.09 7.11 35.96
N VAL A 36 11.37 7.31 35.63
CA VAL A 36 12.25 6.17 35.40
C VAL A 36 12.26 5.28 36.64
N ALA A 37 12.49 5.89 37.81
CA ALA A 37 12.53 5.14 39.06
C ALA A 37 11.31 4.21 39.20
N ALA A 38 10.11 4.73 38.95
CA ALA A 38 8.90 3.94 39.16
C ALA A 38 8.74 2.86 38.09
N SER A 39 9.10 3.16 36.86
CA SER A 39 9.10 2.13 35.82
C SER A 39 10.05 1.00 36.21
N TRP A 40 11.26 1.35 36.67
CA TRP A 40 12.20 0.32 37.11
C TRP A 40 11.59 -0.55 38.19
N ALA A 41 11.01 0.07 39.21
CA ALA A 41 10.39 -0.70 40.30
C ALA A 41 9.35 -1.67 39.78
N HIS A 42 8.59 -1.27 38.76
CA HIS A 42 7.61 -2.17 38.16
C HIS A 42 8.30 -3.23 37.31
N ASP A 43 9.17 -2.82 36.39
CA ASP A 43 9.70 -3.78 35.43
C ASP A 43 10.54 -4.87 36.09
N THR A 44 11.20 -4.57 37.21
CA THR A 44 11.96 -5.59 37.93
C THR A 44 11.11 -6.33 38.94
N ASN A 45 9.80 -6.08 38.96
CA ASN A 45 8.93 -6.61 40.01
C ASN A 45 7.48 -6.24 39.66
N ILE A 46 6.86 -7.02 38.78
CA ILE A 46 5.56 -6.69 38.20
C ILE A 46 4.49 -6.99 39.23
N THR A 47 3.88 -5.93 39.78
CA THR A 47 2.73 -6.06 40.68
C THR A 47 1.77 -4.92 40.42
N ALA A 48 0.53 -5.11 40.91
CA ALA A 48 -0.49 -4.07 40.77
C ALA A 48 -0.07 -2.78 41.43
N GLU A 49 0.53 -2.88 42.62
CA GLU A 49 1.00 -1.68 43.33
C GLU A 49 2.03 -0.95 42.49
N ASN A 50 3.07 -1.66 42.05
CA ASN A 50 4.10 -1.04 41.25
C ASN A 50 3.51 -0.47 39.96
N ALA A 51 2.48 -1.11 39.41
CA ALA A 51 1.75 -0.52 38.29
C ALA A 51 1.07 0.79 38.68
N ARG A 52 0.38 0.78 39.82
N ARG A 52 0.37 0.77 39.82
CA ARG A 52 -0.26 2.01 40.29
CA ARG A 52 -0.26 1.98 40.33
C ARG A 52 0.75 3.13 40.46
C ARG A 52 0.75 3.11 40.46
N ARG A 53 1.88 2.83 41.12
CA ARG A 53 2.87 3.88 41.37
C ARG A 53 3.47 4.37 40.07
N GLN A 54 3.69 3.46 39.11
CA GLN A 54 4.19 3.86 37.81
C GLN A 54 3.21 4.80 37.11
N GLU A 55 1.92 4.53 37.22
CA GLU A 55 0.91 5.38 36.59
C GLU A 55 0.81 6.75 37.25
N GLU A 56 1.00 6.81 38.58
CA GLU A 56 1.01 8.10 39.27
C GLU A 56 2.16 8.95 38.75
N ALA A 57 3.34 8.36 38.61
CA ALA A 57 4.48 9.09 38.06
C ALA A 57 4.18 9.56 36.65
N ALA A 58 3.51 8.72 35.86
CA ALA A 58 3.18 9.08 34.48
C ALA A 58 2.25 10.29 34.44
N LEU A 59 1.20 10.26 35.25
CA LEU A 59 0.34 11.44 35.40
C LEU A 59 1.13 12.70 35.76
N LEU A 60 2.09 12.56 36.69
CA LEU A 60 2.86 13.71 37.10
C LEU A 60 3.72 14.22 35.98
N SER A 61 4.29 13.31 35.18
CA SER A 61 5.06 13.72 34.00
C SER A 61 4.17 14.50 33.05
N GLN A 62 2.93 14.08 32.91
CA GLN A 62 2.02 14.71 31.97
C GLN A 62 1.61 16.10 32.46
N GLU A 63 1.34 16.25 33.75
CA GLU A 63 1.10 17.58 34.29
C GLU A 63 2.30 18.51 34.04
N PHE A 64 3.52 18.03 34.28
CA PHE A 64 4.72 18.81 34.01
C PHE A 64 4.82 19.21 32.54
N ALA A 65 4.63 18.26 31.62
CA ALA A 65 4.75 18.60 30.20
C ALA A 65 3.66 19.55 29.78
N GLU A 66 2.46 19.40 30.35
CA GLU A 66 1.37 20.33 30.09
C GLU A 66 1.76 21.76 30.47
N ALA A 67 2.04 22.00 31.75
CA ALA A 67 2.39 23.34 32.20
C ALA A 67 3.47 23.95 31.32
N TRP A 68 4.58 23.22 31.13
CA TRP A 68 5.73 23.78 30.42
C TRP A 68 5.50 23.84 28.92
N GLY A 69 4.70 22.93 28.37
CA GLY A 69 4.30 23.05 26.98
C GLY A 69 3.41 24.27 26.78
N GLN A 70 2.38 24.41 27.61
CA GLN A 70 1.52 25.58 27.58
C GLN A 70 2.35 26.87 27.65
N LYS A 71 3.16 27.00 28.70
CA LYS A 71 3.96 28.21 28.85
C LYS A 71 4.77 28.48 27.59
N ALA A 72 5.41 27.43 27.04
CA ALA A 72 6.24 27.63 25.86
C ALA A 72 5.42 28.11 24.68
N LYS A 73 4.19 27.60 24.55
CA LYS A 73 3.34 28.00 23.44
C LYS A 73 2.89 29.45 23.59
N GLU A 74 2.55 29.88 24.81
CA GLU A 74 2.09 31.24 24.98
C GLU A 74 3.24 32.24 24.91
N LEU A 75 4.46 31.83 25.25
CA LEU A 75 5.58 32.75 25.24
C LEU A 75 6.23 32.86 23.86
N TYR A 76 6.47 31.73 23.19
CA TYR A 76 7.35 31.71 22.04
C TYR A 76 6.75 31.09 20.77
N GLU A 77 5.49 30.64 20.80
CA GLU A 77 4.89 29.99 19.64
C GLU A 77 5.17 30.76 18.35
N PRO A 78 5.05 32.09 18.32
CA PRO A 78 5.24 32.80 17.05
C PRO A 78 6.68 33.11 16.68
N ILE A 79 7.65 32.90 17.58
CA ILE A 79 8.99 33.46 17.39
C ILE A 79 10.10 32.43 17.56
N TRP A 80 9.87 31.25 18.13
CA TRP A 80 10.97 30.35 18.44
C TRP A 80 11.60 29.76 17.18
N GLN A 81 10.81 29.56 16.12
CA GLN A 81 11.38 29.06 14.88
C GLN A 81 12.36 30.05 14.25
N GLN A 82 12.38 31.30 14.72
CA GLN A 82 13.26 32.31 14.17
C GLN A 82 14.49 32.59 15.03
N PHE A 83 14.62 31.92 16.18
CA PHE A 83 15.80 32.11 17.03
C PHE A 83 17.07 31.76 16.27
N THR A 84 18.17 32.41 16.65
CA THR A 84 19.46 32.11 16.03
C THR A 84 20.05 30.82 16.57
N ASP A 85 20.00 30.62 17.89
CA ASP A 85 20.52 29.42 18.53
C ASP A 85 19.76 28.20 18.01
N PRO A 86 20.41 27.32 17.23
CA PRO A 86 19.68 26.14 16.72
C PRO A 86 19.44 25.09 17.78
N GLN A 87 20.31 24.98 18.79
CA GLN A 87 20.05 24.05 19.88
C GLN A 87 18.88 24.51 20.73
N LEU A 88 18.73 25.82 20.90
CA LEU A 88 17.56 26.35 21.59
C LEU A 88 16.30 26.08 20.80
N ARG A 89 16.33 26.32 19.49
CA ARG A 89 15.19 25.98 18.64
C ARG A 89 14.78 24.53 18.81
N ARG A 90 15.77 23.63 18.84
CA ARG A 90 15.49 22.23 19.13
C ARG A 90 14.78 22.07 20.47
N ILE A 91 15.36 22.64 21.52
CA ILE A 91 14.78 22.47 22.86
C ILE A 91 13.33 22.97 22.87
N ILE A 92 13.11 24.18 22.35
CA ILE A 92 11.78 24.78 22.45
C ILE A 92 10.77 23.96 21.66
N GLY A 93 11.10 23.63 20.41
CA GLY A 93 10.20 22.79 19.62
C GLY A 93 9.81 21.52 20.34
N ALA A 94 10.77 20.93 21.07
CA ALA A 94 10.47 19.72 21.83
C ALA A 94 9.49 20.01 22.95
N VAL A 95 9.74 21.07 23.72
CA VAL A 95 8.92 21.36 24.89
C VAL A 95 7.48 21.62 24.51
N ARG A 96 7.24 22.24 23.36
CA ARG A 96 5.89 22.58 22.95
C ARG A 96 5.10 21.38 22.43
N THR A 97 5.73 20.22 22.27
CA THR A 97 5.05 19.01 21.83
C THR A 97 4.63 18.21 23.06
N LEU A 98 3.33 18.17 23.33
CA LEU A 98 2.82 17.68 24.60
C LEU A 98 2.48 16.19 24.60
N GLY A 99 2.38 15.56 23.44
CA GLY A 99 2.09 14.14 23.43
C GLY A 99 0.86 13.82 24.24
N SER A 100 0.93 12.75 25.03
CA SER A 100 -0.24 12.34 25.80
C SER A 100 -0.67 13.41 26.81
N ALA A 101 0.15 14.44 27.04
CA ALA A 101 -0.29 15.54 27.88
C ALA A 101 -1.38 16.38 27.23
N ASN A 102 -1.61 16.22 25.92
CA ASN A 102 -2.73 16.87 25.26
C ASN A 102 -4.05 16.23 25.65
N LEU A 103 -4.03 15.06 26.29
CA LEU A 103 -5.27 14.39 26.64
C LEU A 103 -5.89 15.01 27.87
N PRO A 104 -7.22 14.91 28.01
CA PRO A 104 -7.85 15.23 29.30
C PRO A 104 -7.36 14.27 30.36
N LEU A 105 -7.60 14.64 31.62
CA LEU A 105 -7.11 13.81 32.73
C LEU A 105 -7.69 12.40 32.67
N ALA A 106 -8.97 12.27 32.37
CA ALA A 106 -9.59 10.95 32.39
C ALA A 106 -9.02 10.04 31.31
N LYS A 107 -8.57 10.62 30.20
CA LYS A 107 -7.96 9.81 29.15
C LYS A 107 -6.47 9.64 29.37
N ARG A 108 -5.83 10.59 30.07
CA ARG A 108 -4.47 10.38 30.51
C ARG A 108 -4.36 9.12 31.34
N GLN A 109 -5.32 8.91 32.23
CA GLN A 109 -5.32 7.73 33.09
C GLN A 109 -5.48 6.47 32.27
N GLN A 110 -6.52 6.43 31.42
CA GLN A 110 -6.79 5.23 30.62
C GLN A 110 -5.60 4.86 29.76
N TYR A 111 -4.92 5.86 29.19
CA TYR A 111 -3.72 5.65 28.41
C TYR A 111 -2.60 5.05 29.26
N ASN A 112 -2.28 5.72 30.37
CA ASN A 112 -1.27 5.21 31.28
C ASN A 112 -1.62 3.79 31.73
N ALA A 113 -2.90 3.50 31.89
CA ALA A 113 -3.30 2.18 32.38
C ALA A 113 -3.23 1.10 31.30
N LEU A 114 -3.47 1.46 30.04
CA LEU A 114 -3.32 0.46 28.98
C LEU A 114 -1.88 -0.01 28.87
N LEU A 115 -0.94 0.92 28.94
CA LEU A 115 0.47 0.55 28.88
C LEU A 115 0.82 -0.46 29.96
N SER A 116 0.30 -0.27 31.18
CA SER A 116 0.58 -1.21 32.26
C SER A 116 0.07 -2.59 31.92
N GLN A 117 -1.16 -2.67 31.42
CA GLN A 117 -1.76 -3.98 31.21
C GLN A 117 -1.18 -4.67 29.99
N MET A 118 -0.93 -3.92 28.92
CA MET A 118 -0.26 -4.54 27.77
C MET A 118 1.12 -5.05 28.16
N SER A 119 1.86 -4.30 28.96
CA SER A 119 3.18 -4.75 29.40
C SER A 119 3.06 -6.01 30.25
N ARG A 120 2.09 -6.05 31.16
CA ARG A 120 1.92 -7.22 32.00
C ARG A 120 1.54 -8.44 31.19
N ILE A 121 0.62 -8.28 30.24
CA ILE A 121 0.21 -9.42 29.44
C ILE A 121 1.41 -10.02 28.72
N TYR A 122 2.23 -9.18 28.09
CA TYR A 122 3.35 -9.71 27.30
C TYR A 122 4.34 -10.42 28.19
N SER A 123 4.75 -9.77 29.28
CA SER A 123 5.86 -10.23 30.09
C SER A 123 5.49 -11.31 31.08
N THR A 124 4.19 -11.56 31.28
CA THR A 124 3.75 -12.65 32.14
C THR A 124 3.08 -13.78 31.39
N ALA A 125 2.82 -13.61 30.09
CA ALA A 125 2.21 -14.68 29.30
C ALA A 125 3.07 -15.93 29.36
N LYS A 126 2.41 -17.09 29.38
CA LYS A 126 3.11 -18.36 29.44
C LYS A 126 2.43 -19.35 28.52
N VAL A 127 3.16 -20.42 28.20
CA VAL A 127 2.69 -21.50 27.35
C VAL A 127 2.66 -22.76 28.20
N CYS A 128 1.48 -23.34 28.36
CA CYS A 128 1.29 -24.48 29.24
C CYS A 128 1.02 -25.73 28.42
N LEU A 129 1.48 -26.86 28.94
CA LEU A 129 1.45 -28.12 28.20
C LEU A 129 0.28 -28.98 28.65
N THR A 133 0.22 -32.01 32.19
CA THR A 133 -0.14 -30.70 31.67
C THR A 133 -0.18 -29.68 32.81
N ALA A 134 0.79 -29.77 33.71
CA ALA A 134 0.84 -28.93 34.91
C ALA A 134 1.77 -27.73 34.74
N THR A 135 3.01 -27.95 34.32
CA THR A 135 3.99 -26.88 34.24
C THR A 135 3.70 -25.95 33.06
N CYS A 136 4.46 -24.85 32.98
CA CYS A 136 4.25 -23.83 31.96
C CYS A 136 5.59 -23.18 31.61
N TRP A 137 5.75 -22.88 30.32
CA TRP A 137 6.98 -22.30 29.79
C TRP A 137 6.85 -20.79 29.61
N SER A 138 7.90 -20.08 29.98
CA SER A 138 7.97 -18.64 29.75
C SER A 138 8.78 -18.39 28.48
N LEU A 139 8.66 -17.17 27.95
CA LEU A 139 9.39 -16.83 26.73
C LEU A 139 10.89 -16.88 26.97
N ASP A 140 11.34 -16.26 28.04
CA ASP A 140 12.75 -16.20 28.40
C ASP A 140 12.91 -16.93 29.73
N PRO A 141 13.62 -18.06 29.79
CA PRO A 141 14.45 -18.70 28.77
C PRO A 141 13.82 -19.82 27.97
N ASP A 142 12.65 -20.30 28.39
CA ASP A 142 12.17 -21.60 27.95
C ASP A 142 11.90 -21.63 26.45
N LEU A 143 10.99 -20.77 25.98
CA LEU A 143 10.65 -20.78 24.56
C LEU A 143 11.79 -20.26 23.69
N THR A 144 12.55 -19.28 24.20
CA THR A 144 13.75 -18.83 23.49
C THR A 144 14.68 -19.98 23.20
N ASN A 145 14.93 -20.82 24.20
CA ASN A 145 15.87 -21.93 24.01
C ASN A 145 15.29 -23.00 23.10
N ILE A 146 13.98 -23.27 23.21
CA ILE A 146 13.34 -24.18 22.28
C ILE A 146 13.50 -23.67 20.85
N LEU A 147 13.10 -22.41 20.60
CA LEU A 147 13.20 -21.88 19.25
C LEU A 147 14.62 -21.91 18.72
N ALA A 148 15.62 -21.69 19.60
CA ALA A 148 17.00 -21.60 19.16
C ALA A 148 17.63 -22.96 18.91
N SER A 149 17.23 -23.99 19.66
N SER A 149 17.24 -23.98 19.68
CA SER A 149 17.98 -25.24 19.70
CA SER A 149 17.97 -25.25 19.70
C SER A 149 17.18 -26.46 19.27
C SER A 149 17.16 -26.42 19.19
N SER A 150 15.87 -26.48 19.47
CA SER A 150 15.08 -27.63 19.06
C SER A 150 15.07 -27.75 17.54
N ARG A 151 15.21 -28.97 17.04
CA ARG A 151 15.07 -29.26 15.62
C ARG A 151 13.89 -30.19 15.37
N SER A 152 12.95 -30.25 16.31
CA SER A 152 11.72 -31.01 16.14
C SER A 152 10.62 -30.09 15.62
N TYR A 153 10.15 -30.36 14.40
CA TYR A 153 9.13 -29.51 13.80
C TYR A 153 7.95 -29.30 14.75
N ALA A 154 7.45 -30.37 15.37
CA ALA A 154 6.25 -30.28 16.19
C ALA A 154 6.49 -29.49 17.48
N MET A 155 7.68 -29.63 18.07
CA MET A 155 7.99 -28.91 19.30
C MET A 155 8.15 -27.42 19.02
N LEU A 156 8.84 -27.08 17.93
CA LEU A 156 8.93 -25.69 17.52
C LEU A 156 7.54 -25.12 17.24
N LEU A 157 6.71 -25.88 16.54
CA LEU A 157 5.35 -25.45 16.26
C LEU A 157 4.60 -25.19 17.55
N PHE A 158 4.66 -26.14 18.49
CA PHE A 158 3.93 -25.96 19.74
C PHE A 158 4.38 -24.69 20.45
N ALA A 159 5.67 -24.39 20.42
CA ALA A 159 6.19 -23.21 21.09
C ALA A 159 5.77 -21.94 20.36
N TRP A 160 5.89 -21.93 19.03
CA TRP A 160 5.50 -20.77 18.23
C TRP A 160 4.02 -20.47 18.36
N GLU A 161 3.17 -21.46 18.09
CA GLU A 161 1.73 -21.28 18.19
C GLU A 161 1.34 -20.91 19.62
N GLY A 162 1.84 -21.65 20.60
CA GLY A 162 1.48 -21.37 21.98
C GLY A 162 1.81 -19.95 22.38
N TRP A 163 2.99 -19.47 21.97
CA TRP A 163 3.40 -18.13 22.35
C TRP A 163 2.52 -17.09 21.66
N HIS A 164 2.33 -17.22 20.35
CA HIS A 164 1.56 -16.20 19.62
C HIS A 164 0.12 -16.18 20.09
N ASN A 165 -0.45 -17.33 20.39
CA ASN A 165 -1.81 -17.36 20.95
C ASN A 165 -1.85 -16.74 22.35
N ALA A 166 -0.87 -17.08 23.21
CA ALA A 166 -0.92 -16.63 24.60
C ALA A 166 -0.68 -15.13 24.72
N ALA A 167 0.28 -14.60 23.95
CA ALA A 167 0.59 -13.17 24.09
C ALA A 167 -0.35 -12.30 23.26
N GLY A 168 -0.68 -12.70 22.03
CA GLY A 168 -1.34 -11.81 21.11
C GLY A 168 -2.85 -11.69 21.29
N ILE A 169 -3.53 -12.81 21.43
CA ILE A 169 -5.00 -12.79 21.50
C ILE A 169 -5.49 -11.83 22.59
N PRO A 170 -5.02 -11.92 23.85
CA PRO A 170 -5.48 -10.95 24.88
C PRO A 170 -5.09 -9.50 24.63
N LEU A 171 -4.03 -9.22 23.88
CA LEU A 171 -3.60 -7.85 23.71
C LEU A 171 -4.49 -7.08 22.74
N LYS A 172 -5.06 -7.76 21.75
CA LYS A 172 -5.71 -7.03 20.65
C LYS A 172 -6.72 -6.00 21.13
N PRO A 173 -7.70 -6.34 21.97
CA PRO A 173 -8.66 -5.31 22.41
C PRO A 173 -7.99 -4.12 23.07
N LEU A 174 -6.95 -4.36 23.88
CA LEU A 174 -6.21 -3.25 24.49
C LEU A 174 -5.48 -2.42 23.45
N TYR A 175 -4.84 -3.08 22.48
CA TYR A 175 -4.05 -2.35 21.52
C TYR A 175 -4.92 -1.40 20.69
N GLU A 176 -6.15 -1.80 20.39
CA GLU A 176 -7.05 -0.91 19.66
C GLU A 176 -7.33 0.35 20.48
N ASP A 177 -7.57 0.19 21.78
CA ASP A 177 -7.86 1.34 22.63
C ASP A 177 -6.66 2.26 22.74
N PHE A 178 -5.46 1.67 22.88
CA PHE A 178 -4.25 2.47 22.98
C PHE A 178 -4.02 3.27 21.72
N THR A 179 -4.16 2.63 20.56
CA THR A 179 -3.97 3.32 19.28
C THR A 179 -4.84 4.56 19.18
N ALA A 180 -6.13 4.40 19.46
CA ALA A 180 -7.06 5.52 19.40
C ALA A 180 -6.60 6.67 20.29
N LEU A 181 -6.23 6.36 21.54
CA LEU A 181 -5.82 7.41 22.48
C LEU A 181 -4.51 8.05 22.07
N SER A 182 -3.53 7.24 21.67
CA SER A 182 -2.29 7.81 21.20
C SER A 182 -2.54 8.79 20.06
N ASN A 183 -3.40 8.43 19.10
CA ASN A 183 -3.63 9.30 17.96
C ASN A 183 -4.28 10.59 18.40
N GLU A 184 -5.29 10.49 19.26
CA GLU A 184 -5.95 11.68 19.78
C GLU A 184 -4.93 12.64 20.39
N ALA A 185 -4.00 12.10 21.18
CA ALA A 185 -2.98 12.93 21.83
C ALA A 185 -2.15 13.71 20.82
N TYR A 186 -1.55 13.01 19.85
CA TYR A 186 -0.56 13.67 19.01
C TYR A 186 -1.19 14.47 17.88
N LYS A 187 -2.49 14.30 17.62
CA LYS A 187 -3.17 15.15 16.65
C LYS A 187 -3.18 16.59 17.14
N GLN A 188 -3.34 16.79 18.45
CA GLN A 188 -3.34 18.12 19.01
C GLN A 188 -1.98 18.80 18.99
N ASP A 189 -0.91 18.09 18.64
CA ASP A 189 0.37 18.72 18.35
C ASP A 189 0.55 19.02 16.87
N GLY A 190 -0.44 18.71 16.05
CA GLY A 190 -0.34 18.95 14.62
C GLY A 190 0.13 17.77 13.81
N PHE A 191 0.14 16.58 14.37
CA PHE A 191 0.51 15.36 13.65
C PHE A 191 -0.75 14.64 13.19
N THR A 192 -0.74 14.19 11.93
CA THR A 192 -1.85 13.38 11.43
C THR A 192 -2.09 12.17 12.33
N ASP A 193 -1.02 11.57 12.84
CA ASP A 193 -1.14 10.40 13.70
C ASP A 193 0.18 10.18 14.42
N THR A 194 0.14 9.26 15.38
CA THR A 194 1.33 8.98 16.18
C THR A 194 2.50 8.58 15.31
N GLY A 195 2.26 7.81 14.24
CA GLY A 195 3.36 7.41 13.38
C GLY A 195 4.07 8.60 12.78
N ALA A 196 3.33 9.63 12.39
CA ALA A 196 3.96 10.82 11.84
C ALA A 196 4.85 11.49 12.88
N TYR A 197 4.45 11.42 14.15
CA TYR A 197 5.31 11.95 15.20
C TYR A 197 6.58 11.13 15.34
N TRP A 198 6.43 9.80 15.40
CA TRP A 198 7.61 8.94 15.48
C TRP A 198 8.58 9.24 14.35
N ARG A 199 8.07 9.36 13.12
CA ARG A 199 8.94 9.60 11.97
C ARG A 199 9.59 10.96 12.03
N SER A 200 8.97 11.92 12.72
CA SER A 200 9.53 13.26 12.77
C SER A 200 10.89 13.29 13.45
N TRP A 201 11.19 12.30 14.30
CA TRP A 201 12.46 12.27 15.03
C TRP A 201 13.68 12.23 14.11
N TYR A 202 13.49 11.85 12.86
CA TYR A 202 14.61 11.72 11.94
C TYR A 202 14.82 13.00 11.12
N ASN A 203 13.93 13.97 11.26
CA ASN A 203 14.07 15.28 10.63
C ASN A 203 14.56 15.14 9.19
N SER A 204 13.72 14.49 8.39
CA SER A 204 14.03 14.22 7.00
C SER A 204 12.74 14.17 6.21
N PRO A 205 12.46 15.12 5.32
CA PRO A 205 11.19 15.09 4.59
C PRO A 205 11.00 13.83 3.77
N THR A 206 12.08 13.20 3.31
CA THR A 206 12.00 12.00 2.49
C THR A 206 12.33 10.73 3.27
N PHE A 207 12.03 10.70 4.57
CA PHE A 207 12.43 9.56 5.41
C PHE A 207 12.01 8.24 4.79
N GLU A 208 10.70 8.06 4.58
CA GLU A 208 10.21 6.78 4.09
C GLU A 208 10.81 6.45 2.73
N ASP A 209 10.82 7.42 1.81
CA ASP A 209 11.44 7.19 0.51
C ASP A 209 12.89 6.74 0.65
N ASP A 210 13.65 7.37 1.55
CA ASP A 210 15.05 7.00 1.74
C ASP A 210 15.18 5.59 2.30
N LEU A 211 14.26 5.19 3.19
CA LEU A 211 14.27 3.84 3.71
C LEU A 211 13.98 2.83 2.61
N GLU A 212 12.99 3.14 1.75
CA GLU A 212 12.64 2.22 0.67
C GLU A 212 13.80 2.06 -0.29
N HIS A 213 14.51 3.15 -0.60
CA HIS A 213 15.66 3.04 -1.49
C HIS A 213 16.76 2.21 -0.87
N LEU A 214 17.01 2.38 0.44
CA LEU A 214 17.96 1.51 1.12
C LEU A 214 17.54 0.05 1.03
N TYR A 215 16.28 -0.25 1.36
CA TYR A 215 15.88 -1.65 1.35
C TYR A 215 16.03 -2.26 -0.05
N GLN A 216 15.79 -1.49 -1.12
CA GLN A 216 15.98 -2.00 -2.47
C GLN A 216 17.42 -2.46 -2.71
N GLN A 217 18.39 -1.78 -2.11
CA GLN A 217 19.79 -2.16 -2.32
C GLN A 217 20.14 -3.41 -1.53
N LEU A 218 19.46 -3.64 -0.42
CA LEU A 218 19.74 -4.76 0.46
C LEU A 218 18.95 -6.01 0.13
N GLU A 219 17.80 -5.87 -0.54
CA GLU A 219 16.94 -7.03 -0.74
C GLU A 219 17.60 -8.19 -1.47
N PRO A 220 18.43 -7.98 -2.49
CA PRO A 220 19.05 -9.14 -3.16
C PRO A 220 19.88 -9.98 -2.20
N LEU A 221 20.55 -9.32 -1.25
CA LEU A 221 21.30 -10.04 -0.24
C LEU A 221 20.38 -10.92 0.59
N TYR A 222 19.25 -10.38 1.04
CA TYR A 222 18.32 -11.19 1.82
C TYR A 222 17.78 -12.36 1.00
N LEU A 223 17.41 -12.10 -0.24
CA LEU A 223 16.78 -13.12 -1.05
C LEU A 223 17.69 -14.32 -1.24
N ASN A 224 18.99 -14.08 -1.43
CA ASN A 224 19.92 -15.19 -1.58
C ASN A 224 20.16 -15.89 -0.25
N LEU A 225 20.31 -15.15 0.84
CA LEU A 225 20.41 -15.80 2.14
C LEU A 225 19.18 -16.64 2.41
N HIS A 226 18.00 -16.08 2.14
CA HIS A 226 16.74 -16.79 2.30
C HIS A 226 16.73 -18.11 1.52
N ALA A 227 17.12 -18.06 0.25
CA ALA A 227 17.02 -19.25 -0.58
C ALA A 227 18.00 -20.33 -0.12
N PHE A 228 19.21 -19.91 0.29
CA PHE A 228 20.22 -20.83 0.81
C PHE A 228 19.75 -21.51 2.09
N VAL A 229 19.18 -20.72 3.01
CA VAL A 229 18.70 -21.31 4.25
C VAL A 229 17.52 -22.21 3.99
N ARG A 230 16.62 -21.81 3.09
CA ARG A 230 15.46 -22.63 2.77
C ARG A 230 15.91 -24.02 2.29
N ARG A 231 16.97 -24.06 1.51
CA ARG A 231 17.45 -25.36 1.01
C ARG A 231 17.88 -26.27 2.15
N ALA A 232 18.54 -25.71 3.17
CA ALA A 232 18.95 -26.50 4.33
C ALA A 232 17.75 -27.01 5.10
N LEU A 233 16.77 -26.13 5.34
CA LEU A 233 15.59 -26.58 6.04
C LEU A 233 14.88 -27.68 5.25
N HIS A 234 14.96 -27.63 3.93
CA HIS A 234 14.30 -28.64 3.10
C HIS A 234 14.88 -30.03 3.40
N ARG A 235 16.21 -30.11 3.41
CA ARG A 235 16.90 -31.36 3.73
C ARG A 235 16.53 -31.87 5.11
N ARG A 236 16.35 -30.96 6.07
N ARG A 236 16.37 -30.97 6.09
CA ARG A 236 16.15 -31.33 7.46
CA ARG A 236 16.15 -31.41 7.46
C ARG A 236 14.71 -31.80 7.73
C ARG A 236 14.70 -31.84 7.70
N TYR A 237 13.73 -31.11 7.17
CA TYR A 237 12.34 -31.32 7.52
C TYR A 237 11.51 -32.00 6.45
N GLY A 238 12.00 -32.09 5.23
CA GLY A 238 11.31 -32.81 4.18
C GLY A 238 10.44 -31.90 3.33
N ASP A 239 10.01 -32.46 2.20
CA ASP A 239 9.18 -31.71 1.26
C ASP A 239 7.79 -31.44 1.81
N ARG A 240 7.38 -32.19 2.83
CA ARG A 240 6.04 -31.96 3.39
C ARG A 240 5.97 -30.63 4.11
N TYR A 241 7.09 -30.15 4.66
CA TYR A 241 7.08 -28.98 5.51
C TYR A 241 7.80 -27.79 4.92
N ILE A 242 8.61 -27.97 3.88
CA ILE A 242 9.36 -26.92 3.24
C ILE A 242 9.02 -26.93 1.76
N ASN A 243 8.73 -25.76 1.21
CA ASN A 243 8.43 -25.55 -0.19
C ASN A 243 9.56 -24.72 -0.78
N LEU A 244 10.31 -25.30 -1.71
CA LEU A 244 11.49 -24.64 -2.25
C LEU A 244 11.16 -23.44 -3.12
N ARG A 245 9.88 -23.18 -3.36
CA ARG A 245 9.46 -21.99 -4.08
C ARG A 245 8.46 -21.16 -3.28
N GLY A 246 8.28 -21.48 -2.00
CA GLY A 246 7.33 -20.79 -1.14
C GLY A 246 8.00 -20.16 0.06
N PRO A 247 7.22 -19.47 0.88
CA PRO A 247 7.79 -18.88 2.10
C PRO A 247 8.18 -19.94 3.10
N ILE A 248 9.17 -19.61 3.92
CA ILE A 248 9.64 -20.52 4.97
C ILE A 248 8.65 -20.49 6.13
N PRO A 249 8.29 -21.65 6.70
CA PRO A 249 7.49 -21.63 7.93
C PRO A 249 8.21 -20.84 9.01
N ALA A 250 7.44 -20.01 9.73
CA ALA A 250 8.01 -18.93 10.53
C ALA A 250 8.65 -19.38 11.84
N HIS A 251 8.60 -20.67 12.15
CA HIS A 251 9.07 -21.19 13.42
C HIS A 251 10.39 -21.96 13.29
N LEU A 252 11.00 -21.97 12.11
CA LEU A 252 12.13 -22.86 11.83
C LEU A 252 13.46 -22.13 11.71
N LEU A 253 13.50 -20.84 12.02
CA LEU A 253 14.64 -20.01 11.69
C LEU A 253 15.44 -19.62 12.92
N GLY A 254 15.16 -20.23 14.06
CA GLY A 254 15.97 -20.13 15.25
C GLY A 254 15.50 -19.09 16.24
N ASP A 255 14.36 -18.47 15.98
CA ASP A 255 13.96 -17.27 16.72
C ASP A 255 12.44 -17.18 16.66
N MET A 256 11.83 -16.73 17.77
CA MET A 256 10.37 -16.73 17.84
C MET A 256 9.77 -15.88 16.72
N TRP A 257 10.47 -14.82 16.31
CA TRP A 257 9.96 -13.90 15.30
C TRP A 257 10.65 -14.08 13.96
N ALA A 258 11.48 -15.12 13.83
CA ALA A 258 12.22 -15.37 12.61
C ALA A 258 13.08 -14.17 12.25
N GLN A 259 13.46 -13.37 13.24
CA GLN A 259 14.01 -12.05 12.96
C GLN A 259 15.53 -12.06 12.80
N SER A 260 16.21 -13.02 13.42
CA SER A 260 17.61 -13.27 13.12
C SER A 260 17.81 -14.77 13.17
N TRP A 261 18.73 -15.25 12.35
CA TRP A 261 18.82 -16.69 12.07
C TRP A 261 20.09 -17.31 12.62
N GLU A 262 20.87 -16.59 13.43
CA GLU A 262 22.16 -17.12 13.86
C GLU A 262 22.04 -18.44 14.62
N ASN A 263 20.89 -18.71 15.22
CA ASN A 263 20.75 -19.93 16.01
C ASN A 263 20.61 -21.20 15.17
N ILE A 264 20.39 -21.10 13.87
CA ILE A 264 20.44 -22.28 12.98
C ILE A 264 21.74 -22.32 12.19
N TYR A 265 22.75 -21.56 12.63
CA TYR A 265 24.06 -21.62 11.98
C TYR A 265 24.53 -23.06 11.83
N ASP A 266 24.33 -23.88 12.86
CA ASP A 266 24.89 -25.23 12.83
C ASP A 266 24.14 -26.13 11.84
N MET A 267 22.92 -25.75 11.43
CA MET A 267 22.25 -26.47 10.36
C MET A 267 22.66 -26.00 8.97
N VAL A 268 23.26 -24.82 8.84
CA VAL A 268 23.56 -24.26 7.52
C VAL A 268 25.04 -23.99 7.33
N VAL A 269 25.85 -24.12 8.37
CA VAL A 269 27.29 -23.92 8.25
C VAL A 269 27.80 -24.84 7.14
N PRO A 270 28.40 -24.30 6.08
CA PRO A 270 28.84 -25.18 4.98
C PRO A 270 30.04 -26.05 5.32
N PHE A 271 30.87 -25.64 6.29
CA PHE A 271 32.15 -26.29 6.56
C PHE A 271 32.22 -26.65 8.04
N PRO A 272 31.40 -27.60 8.48
CA PRO A 272 31.31 -27.90 9.92
C PRO A 272 32.58 -28.51 10.50
N ASP A 273 33.55 -28.88 9.66
CA ASP A 273 34.83 -29.35 10.16
C ASP A 273 35.65 -28.22 10.75
N LYS A 274 35.53 -27.01 10.20
CA LYS A 274 36.31 -25.87 10.63
C LYS A 274 35.91 -25.49 12.05
N PRO A 275 36.69 -24.62 12.70
CA PRO A 275 36.39 -24.25 14.09
C PRO A 275 34.97 -23.76 14.22
N ASN A 276 34.32 -24.17 15.31
CA ASN A 276 32.95 -23.79 15.60
C ASN A 276 32.91 -22.33 16.04
N LEU A 277 32.42 -21.44 15.17
CA LEU A 277 32.38 -20.02 15.45
C LEU A 277 31.28 -19.64 16.42
N ASP A 278 30.40 -20.57 16.79
CA ASP A 278 29.49 -20.40 17.91
C ASP A 278 30.22 -20.84 19.18
N VAL A 279 30.62 -19.87 20.00
CA VAL A 279 31.54 -20.14 21.11
C VAL A 279 30.76 -20.42 22.38
N THR A 280 29.44 -20.61 22.26
CA THR A 280 28.64 -20.85 23.45
C THR A 280 29.17 -22.04 24.23
N SER A 281 29.37 -23.18 23.55
CA SER A 281 29.83 -24.38 24.25
C SER A 281 31.11 -24.11 25.02
N THR A 282 32.02 -23.33 24.43
CA THR A 282 33.24 -22.95 25.12
C THR A 282 32.97 -22.04 26.31
N MET A 283 32.08 -21.04 26.15
CA MET A 283 31.75 -20.19 27.28
C MET A 283 31.23 -21.00 28.46
N LEU A 284 30.40 -22.01 28.18
CA LEU A 284 29.89 -22.85 29.25
C LEU A 284 30.99 -23.74 29.80
N GLN A 285 31.73 -24.42 28.92
CA GLN A 285 32.86 -25.22 29.35
C GLN A 285 33.76 -24.42 30.28
N GLN A 286 34.07 -23.17 29.92
CA GLN A 286 34.91 -22.31 30.73
C GLN A 286 34.18 -21.72 31.92
N GLY A 287 32.86 -21.89 32.03
CA GLY A 287 32.16 -21.41 33.20
C GLY A 287 31.91 -19.92 33.23
N TRP A 288 31.73 -19.29 32.07
CA TRP A 288 31.32 -17.90 32.06
C TRP A 288 29.99 -17.72 32.78
N GLN A 289 29.84 -16.59 33.43
CA GLN A 289 28.59 -16.17 34.06
C GLN A 289 28.25 -14.78 33.57
N ALA A 290 27.05 -14.33 33.93
CA ALA A 290 26.58 -13.02 33.49
C ALA A 290 27.57 -11.92 33.84
N THR A 291 28.11 -11.94 35.05
CA THR A 291 29.00 -10.86 35.46
C THR A 291 30.28 -10.86 34.63
N HIS A 292 30.78 -12.04 34.27
CA HIS A 292 31.94 -12.12 33.39
C HIS A 292 31.65 -11.43 32.07
N MET A 293 30.47 -11.70 31.51
CA MET A 293 30.11 -11.16 30.20
C MET A 293 30.06 -9.64 30.23
N PHE A 294 29.48 -9.05 31.27
CA PHE A 294 29.44 -7.59 31.36
C PHE A 294 30.83 -6.99 31.61
N ARG A 295 31.66 -7.68 32.39
CA ARG A 295 33.01 -7.18 32.64
C ARG A 295 33.86 -7.22 31.37
N VAL A 296 33.68 -8.27 30.57
CA VAL A 296 34.44 -8.34 29.33
C VAL A 296 33.97 -7.27 28.36
N ALA A 297 32.66 -7.01 28.32
CA ALA A 297 32.16 -5.93 27.48
C ALA A 297 32.70 -4.58 27.97
N GLU A 298 32.60 -4.34 29.27
CA GLU A 298 33.13 -3.12 29.86
C GLU A 298 34.57 -2.89 29.44
N GLU A 299 35.38 -3.94 29.50
CA GLU A 299 36.80 -3.76 29.23
C GLU A 299 37.04 -3.35 27.78
N PHE A 300 36.19 -3.79 26.86
CA PHE A 300 36.31 -3.31 25.48
C PHE A 300 36.09 -1.82 25.43
N PHE A 301 35.07 -1.32 26.14
CA PHE A 301 34.81 0.12 26.15
C PHE A 301 35.99 0.87 26.74
N THR A 302 36.53 0.38 27.86
CA THR A 302 37.66 1.07 28.48
C THR A 302 38.95 0.89 27.68
N SER A 303 39.05 -0.16 26.87
CA SER A 303 40.18 -0.30 25.95
C SER A 303 40.21 0.85 24.96
N LEU A 304 39.05 1.42 24.65
CA LEU A 304 38.95 2.58 23.78
C LEU A 304 38.99 3.89 24.56
N GLU A 305 39.32 3.84 25.85
CA GLU A 305 39.33 5.02 26.70
C GLU A 305 37.95 5.67 26.74
N LEU A 306 36.91 4.83 26.70
CA LEU A 306 35.59 5.27 27.09
C LEU A 306 35.42 4.98 28.58
N SER A 307 34.28 5.31 29.12
CA SER A 307 34.09 5.24 30.56
C SER A 307 33.81 3.81 31.01
N PRO A 308 34.31 3.42 32.17
CA PRO A 308 33.86 2.18 32.79
C PRO A 308 32.46 2.36 33.36
N MET A 309 31.83 1.23 33.69
CA MET A 309 30.55 1.27 34.37
C MET A 309 30.75 1.81 35.79
N PRO A 310 29.98 2.80 36.22
CA PRO A 310 30.15 3.35 37.58
C PRO A 310 29.66 2.37 38.62
N PRO A 311 30.02 2.57 39.90
CA PRO A 311 29.59 1.63 40.95
C PRO A 311 28.07 1.48 41.04
N GLU A 312 27.34 2.58 40.81
CA GLU A 312 25.89 2.55 40.85
C GLU A 312 25.32 1.58 39.83
N PHE A 313 26.01 1.40 38.70
CA PHE A 313 25.59 0.41 37.71
C PHE A 313 25.66 -1.00 38.27
N TRP A 314 26.81 -1.38 38.84
CA TRP A 314 26.96 -2.75 39.34
C TRP A 314 26.06 -2.98 40.54
N GLU A 315 25.90 -1.98 41.39
CA GLU A 315 25.10 -2.19 42.58
C GLU A 315 23.62 -2.26 42.25
N GLY A 316 23.20 -1.60 41.18
CA GLY A 316 21.79 -1.40 40.91
C GLY A 316 21.22 -2.22 39.77
N SER A 317 22.08 -2.73 38.89
CA SER A 317 21.60 -3.44 37.71
C SER A 317 21.05 -4.81 38.09
N MET A 318 20.20 -5.33 37.22
CA MET A 318 19.68 -6.68 37.36
C MET A 318 20.20 -7.49 36.17
N LEU A 319 21.25 -8.26 36.41
CA LEU A 319 21.96 -8.93 35.33
C LEU A 319 21.61 -10.40 35.21
N GLU A 320 20.70 -10.90 36.05
CA GLU A 320 20.24 -12.27 35.97
C GLU A 320 18.77 -12.32 36.32
N LYS A 321 18.07 -13.32 35.79
CA LYS A 321 16.65 -13.47 36.11
C LYS A 321 16.49 -13.84 37.57
N PRO A 322 15.70 -13.09 38.35
CA PRO A 322 15.55 -13.40 39.78
C PRO A 322 15.14 -14.85 40.01
N ALA A 323 15.70 -15.44 41.07
CA ALA A 323 15.36 -16.80 41.45
C ALA A 323 14.19 -16.88 42.43
N ASP A 324 13.91 -15.81 43.16
CA ASP A 324 12.73 -15.78 44.00
C ASP A 324 11.48 -15.79 43.12
N GLY A 325 10.35 -16.10 43.76
CA GLY A 325 9.10 -16.19 43.03
C GLY A 325 8.62 -14.84 42.54
N ARG A 326 9.38 -14.22 41.64
CA ARG A 326 9.08 -12.88 41.15
C ARG A 326 8.88 -12.91 39.64
N GLU A 327 8.04 -12.01 39.16
CA GLU A 327 7.81 -11.84 37.73
C GLU A 327 8.45 -10.52 37.32
N VAL A 328 9.22 -10.56 36.24
CA VAL A 328 9.95 -9.40 35.75
C VAL A 328 9.74 -9.31 34.25
N VAL A 329 10.01 -8.11 33.71
CA VAL A 329 10.16 -7.94 32.28
C VAL A 329 11.55 -8.48 31.97
N CYS A 330 11.62 -9.66 31.35
CA CYS A 330 12.93 -10.20 31.04
C CYS A 330 13.52 -9.58 29.79
N HIS A 331 12.72 -8.95 28.94
CA HIS A 331 13.29 -8.29 27.76
C HIS A 331 14.36 -7.30 28.20
N ALA A 332 15.54 -7.40 27.58
CA ALA A 332 16.70 -6.64 28.02
C ALA A 332 16.46 -5.14 27.82
N SER A 333 16.97 -4.33 28.75
CA SER A 333 16.83 -2.89 28.61
C SER A 333 17.91 -2.17 29.41
N ALA A 334 18.22 -0.95 28.97
CA ALA A 334 19.21 -0.07 29.56
C ALA A 334 18.52 1.21 30.03
N TRP A 335 18.89 1.67 31.21
CA TRP A 335 18.10 2.66 31.94
C TRP A 335 18.92 3.86 32.30
N ASP A 336 18.42 5.04 31.93
CA ASP A 336 19.01 6.33 32.27
C ASP A 336 18.04 7.05 33.20
N PHE A 337 18.48 7.37 34.41
CA PHE A 337 17.59 7.97 35.40
C PHE A 337 17.61 9.50 35.38
N TYR A 338 18.34 10.11 34.46
CA TYR A 338 18.36 11.57 34.31
C TYR A 338 18.68 12.24 35.65
N ASN A 339 19.73 11.74 36.29
CA ASN A 339 20.33 12.42 37.43
C ASN A 339 21.86 12.44 37.34
N ARG A 340 22.42 12.00 36.22
CA ARG A 340 23.86 11.97 35.98
C ARG A 340 24.61 11.00 36.89
N LYS A 341 23.90 10.21 37.70
CA LYS A 341 24.50 9.27 38.63
C LYS A 341 24.09 7.82 38.37
N ASP A 342 22.79 7.55 38.22
CA ASP A 342 22.26 6.19 38.18
C ASP A 342 22.03 5.73 36.75
N PHE A 343 22.63 4.61 36.39
CA PHE A 343 22.49 3.98 35.10
C PHE A 343 22.47 2.47 35.32
N ARG A 344 21.51 1.77 34.71
CA ARG A 344 21.36 0.35 34.99
C ARG A 344 20.95 -0.41 33.73
N ILE A 345 21.32 -1.69 33.73
CA ILE A 345 20.82 -2.66 32.77
C ILE A 345 19.96 -3.66 33.53
N LYS A 346 18.83 -4.03 32.94
CA LYS A 346 17.98 -5.11 33.40
C LYS A 346 17.98 -6.15 32.29
N GLN A 347 18.61 -7.30 32.54
CA GLN A 347 18.71 -8.34 31.52
C GLN A 347 18.69 -9.69 32.21
N CYS A 348 17.86 -10.60 31.70
CA CYS A 348 17.83 -11.98 32.17
C CYS A 348 18.90 -12.77 31.40
N THR A 349 20.15 -12.43 31.73
CA THR A 349 21.28 -12.86 30.92
C THR A 349 21.46 -14.37 30.95
N ARG A 350 21.56 -14.96 29.78
CA ARG A 350 21.94 -16.35 29.60
C ARG A 350 23.37 -16.42 29.06
N VAL A 351 24.07 -17.51 29.36
CA VAL A 351 25.43 -17.69 28.87
C VAL A 351 25.41 -18.26 27.46
N THR A 352 25.34 -17.38 26.47
CA THR A 352 25.40 -17.76 25.07
C THR A 352 26.16 -16.68 24.30
N MET A 353 26.62 -17.05 23.11
CA MET A 353 27.32 -16.07 22.27
C MET A 353 26.40 -14.92 21.84
N ASP A 354 25.12 -15.20 21.52
CA ASP A 354 24.29 -14.08 21.09
C ASP A 354 23.90 -13.19 22.27
N GLN A 355 23.84 -13.75 23.48
CA GLN A 355 23.66 -12.92 24.66
C GLN A 355 24.86 -12.04 24.93
N LEU A 356 26.06 -12.51 24.62
CA LEU A 356 27.23 -11.66 24.72
C LEU A 356 27.07 -10.43 23.82
N SER A 357 26.55 -10.62 22.61
N SER A 357 26.55 -10.62 22.61
CA SER A 357 26.24 -9.49 21.74
CA SER A 357 26.24 -9.49 21.74
C SER A 357 25.23 -8.55 22.39
C SER A 357 25.23 -8.55 22.39
N THR A 358 24.16 -9.12 22.98
CA THR A 358 23.16 -8.31 23.64
C THR A 358 23.78 -7.49 24.77
N VAL A 359 24.65 -8.12 25.56
CA VAL A 359 25.35 -7.42 26.63
C VAL A 359 26.06 -6.20 26.07
N HIS A 360 26.76 -6.36 24.94
CA HIS A 360 27.44 -5.22 24.33
C HIS A 360 26.44 -4.18 23.85
N HIS A 361 25.35 -4.64 23.24
CA HIS A 361 24.32 -3.70 22.80
C HIS A 361 23.85 -2.82 23.96
N GLU A 362 23.44 -3.45 25.06
CA GLU A 362 22.91 -2.71 26.19
C GLU A 362 23.96 -1.83 26.83
N MET A 363 25.21 -2.29 26.90
CA MET A 363 26.25 -1.45 27.46
C MET A 363 26.55 -0.27 26.53
N GLY A 364 26.32 -0.45 25.22
CA GLY A 364 26.38 0.68 24.31
C GLY A 364 25.42 1.79 24.69
N HIS A 365 24.19 1.42 25.09
CA HIS A 365 23.25 2.42 25.57
C HIS A 365 23.79 3.13 26.81
N ILE A 366 24.30 2.36 27.78
CA ILE A 366 24.85 2.95 29.00
C ILE A 366 25.98 3.91 28.66
N GLN A 367 26.95 3.45 27.87
CA GLN A 367 28.05 4.32 27.49
C GLN A 367 27.52 5.64 26.95
N TYR A 368 26.56 5.59 26.03
CA TYR A 368 25.94 6.81 25.52
C TYR A 368 25.45 7.69 26.66
N TYR A 369 24.65 7.10 27.56
CA TYR A 369 24.14 7.84 28.71
C TYR A 369 25.27 8.55 29.45
N LEU A 370 26.36 7.85 29.74
CA LEU A 370 27.46 8.41 30.49
C LEU A 370 28.16 9.54 29.73
N GLN A 371 28.23 9.45 28.41
CA GLN A 371 28.97 10.44 27.64
C GLN A 371 28.21 11.75 27.47
N TYR A 372 26.87 11.73 27.54
CA TYR A 372 26.09 12.95 27.39
C TYR A 372 25.31 13.30 28.64
N LYS A 373 25.68 12.74 29.80
CA LYS A 373 24.91 12.99 31.00
C LYS A 373 24.98 14.44 31.46
N ASP A 374 25.98 15.20 31.02
CA ASP A 374 26.09 16.60 31.41
C ASP A 374 25.36 17.53 30.46
N LEU A 375 25.07 17.11 29.23
CA LEU A 375 24.22 17.89 28.34
C LEU A 375 22.90 18.21 29.04
N PRO A 376 22.16 19.21 28.59
CA PRO A 376 20.80 19.42 29.10
C PRO A 376 19.87 18.32 28.63
N VAL A 377 18.91 17.97 29.49
CA VAL A 377 18.08 16.78 29.30
C VAL A 377 17.62 16.62 27.86
N SER A 378 17.02 17.66 27.28
CA SER A 378 16.44 17.55 25.95
C SER A 378 17.44 17.08 24.91
N LEU A 379 18.73 17.24 25.16
CA LEU A 379 19.76 16.75 24.25
C LEU A 379 20.34 15.42 24.67
N ARG A 380 19.80 14.79 25.72
CA ARG A 380 20.29 13.51 26.21
C ARG A 380 19.59 12.39 25.44
N ARG A 381 19.90 12.35 24.15
CA ARG A 381 19.40 11.36 23.23
C ARG A 381 20.47 11.15 22.19
N GLY A 382 20.32 10.09 21.40
CA GLY A 382 21.19 9.94 20.25
C GLY A 382 20.91 11.02 19.22
N ALA A 383 21.92 11.28 18.37
CA ALA A 383 21.69 12.13 17.21
C ALA A 383 20.34 11.83 16.57
N ASN A 384 20.03 10.54 16.39
CA ASN A 384 18.66 10.07 16.23
C ASN A 384 18.57 8.70 16.87
N PRO A 385 17.36 8.13 17.00
CA PRO A 385 17.23 6.88 17.75
C PRO A 385 18.05 5.73 17.17
N GLY A 386 18.28 5.75 15.87
CA GLY A 386 19.18 4.77 15.26
C GLY A 386 20.60 4.86 15.79
N PHE A 387 21.09 6.07 16.08
CA PHE A 387 22.44 6.20 16.65
C PHE A 387 22.55 5.48 17.98
N HIS A 388 21.53 5.60 18.83
CA HIS A 388 21.56 4.94 20.12
C HIS A 388 21.65 3.43 19.96
N GLU A 389 21.00 2.88 18.93
CA GLU A 389 20.97 1.44 18.77
C GLU A 389 22.23 0.91 18.12
N ALA A 390 23.02 1.77 17.48
CA ALA A 390 24.18 1.29 16.75
C ALA A 390 25.43 1.17 17.61
N ILE A 391 25.51 1.86 18.74
CA ILE A 391 26.79 2.01 19.44
C ILE A 391 27.32 0.64 19.88
N GLY A 392 26.54 -0.08 20.68
CA GLY A 392 27.02 -1.35 21.19
C GLY A 392 27.20 -2.39 20.11
N ASP A 393 26.35 -2.35 19.07
CA ASP A 393 26.48 -3.29 17.96
C ASP A 393 27.78 -3.08 17.21
N VAL A 394 28.26 -1.84 17.12
CA VAL A 394 29.53 -1.59 16.41
C VAL A 394 30.66 -2.30 17.12
N LEU A 395 30.76 -2.13 18.44
CA LEU A 395 31.81 -2.83 19.19
C LEU A 395 31.66 -4.34 19.07
N ALA A 396 30.41 -4.84 19.08
CA ALA A 396 30.19 -6.28 18.97
C ALA A 396 30.67 -6.82 17.63
N LEU A 397 30.69 -5.98 16.59
CA LEU A 397 31.24 -6.42 15.31
C LEU A 397 32.72 -6.77 15.46
N SER A 398 33.46 -6.01 16.25
CA SER A 398 34.87 -6.35 16.50
C SER A 398 34.99 -7.55 17.41
N VAL A 399 34.12 -7.65 18.42
CA VAL A 399 34.23 -8.74 19.40
C VAL A 399 34.03 -10.08 18.72
N SER A 400 33.11 -10.15 17.75
CA SER A 400 32.75 -11.43 17.16
C SER A 400 33.76 -11.95 16.15
N THR A 401 34.72 -11.12 15.71
CA THR A 401 35.72 -11.60 14.77
C THR A 401 36.49 -12.77 15.39
N PRO A 402 36.80 -13.81 14.62
CA PRO A 402 37.52 -14.96 15.21
C PRO A 402 38.85 -14.56 15.83
N GLU A 403 39.48 -13.50 15.33
CA GLU A 403 40.74 -13.05 15.92
C GLU A 403 40.52 -12.44 17.29
N HIS A 404 39.42 -11.71 17.48
CA HIS A 404 39.16 -11.18 18.80
C HIS A 404 38.72 -12.27 19.75
N LEU A 405 37.88 -13.19 19.29
CA LEU A 405 37.47 -14.31 20.13
C LEU A 405 38.70 -15.09 20.60
N HIS A 406 39.68 -15.25 19.72
CA HIS A 406 40.93 -15.86 20.13
C HIS A 406 41.62 -15.05 21.22
N LYS A 407 41.64 -13.72 21.07
CA LYS A 407 42.29 -12.89 22.07
C LYS A 407 41.67 -13.07 23.45
N ILE A 408 40.36 -13.30 23.52
CA ILE A 408 39.68 -13.44 24.80
C ILE A 408 39.45 -14.92 25.15
N GLY A 409 40.18 -15.82 24.49
CA GLY A 409 40.22 -17.21 24.90
C GLY A 409 39.00 -18.04 24.57
N LEU A 410 38.19 -17.64 23.59
CA LEU A 410 36.98 -18.37 23.24
C LEU A 410 37.10 -19.13 21.94
N LEU A 411 38.29 -19.15 21.33
CA LEU A 411 38.47 -19.82 20.05
C LEU A 411 39.95 -20.05 19.81
N ASP A 412 40.35 -21.30 19.63
CA ASP A 412 41.70 -21.59 19.16
C ASP A 412 41.89 -21.01 17.76
N ARG A 413 43.00 -20.30 17.56
CA ARG A 413 43.15 -19.44 16.40
C ARG A 413 42.83 -20.18 15.11
N VAL A 414 42.07 -19.54 14.26
CA VAL A 414 41.57 -20.13 13.03
C VAL A 414 42.54 -19.78 11.91
N THR A 415 42.59 -20.65 10.91
CA THR A 415 43.36 -20.33 9.71
C THR A 415 42.65 -19.23 8.94
N ASN A 416 43.44 -18.29 8.42
CA ASN A 416 42.93 -17.18 7.63
C ASN A 416 42.69 -17.64 6.19
N ASP A 417 41.87 -18.68 6.05
CA ASP A 417 41.54 -19.27 4.76
C ASP A 417 40.16 -18.80 4.30
N THR A 418 39.66 -19.38 3.21
CA THR A 418 38.40 -18.93 2.63
C THR A 418 37.20 -19.66 3.22
N GLU A 419 37.33 -20.95 3.50
CA GLU A 419 36.25 -21.67 4.15
C GLU A 419 35.90 -21.03 5.49
N SER A 420 36.91 -20.51 6.20
CA SER A 420 36.67 -19.87 7.49
C SER A 420 36.11 -18.47 7.31
N ASP A 421 36.58 -17.75 6.31
CA ASP A 421 36.02 -16.44 6.00
C ASP A 421 34.54 -16.55 5.65
N ILE A 422 34.17 -17.57 4.88
CA ILE A 422 32.77 -17.75 4.49
C ILE A 422 31.93 -18.20 5.67
N ASN A 423 32.44 -19.15 6.46
CA ASN A 423 31.75 -19.56 7.66
C ASN A 423 31.39 -18.35 8.51
N TYR A 424 32.33 -17.42 8.68
CA TYR A 424 32.12 -16.26 9.56
C TYR A 424 31.13 -15.27 8.95
N LEU A 425 31.35 -14.87 7.70
CA LEU A 425 30.46 -13.90 7.08
C LEU A 425 29.05 -14.43 6.96
N LEU A 426 28.90 -15.76 6.87
CA LEU A 426 27.58 -16.35 6.82
C LEU A 426 26.90 -16.27 8.18
N LYS A 427 27.60 -16.64 9.25
CA LYS A 427 27.06 -16.45 10.58
C LYS A 427 26.64 -15.00 10.79
N MET A 428 27.48 -14.05 10.33
CA MET A 428 27.13 -12.64 10.49
C MET A 428 25.93 -12.26 9.61
N ALA A 429 25.81 -12.85 8.42
CA ALA A 429 24.65 -12.59 7.59
C ALA A 429 23.37 -13.08 8.26
N LEU A 430 23.45 -14.25 8.88
CA LEU A 430 22.32 -14.81 9.60
C LEU A 430 21.88 -13.86 10.72
N GLU A 431 22.84 -13.15 11.34
CA GLU A 431 22.52 -12.24 12.43
C GLU A 431 22.01 -10.90 11.91
N LYS A 432 22.61 -10.39 10.84
CA LYS A 432 22.43 -9.01 10.41
C LYS A 432 21.58 -8.88 9.16
N ILE A 433 21.87 -9.66 8.11
CA ILE A 433 21.10 -9.55 6.88
C ILE A 433 19.68 -10.10 7.09
N ALA A 434 19.53 -11.22 7.81
CA ALA A 434 18.19 -11.77 8.02
C ALA A 434 17.29 -10.79 8.74
N PHE A 435 17.86 -9.95 9.59
CA PHE A 435 17.06 -9.00 10.38
C PHE A 435 16.49 -7.87 9.53
N LEU A 436 17.17 -7.49 8.46
CA LEU A 436 16.79 -6.26 7.75
C LEU A 436 15.33 -6.22 7.33
N PRO A 437 14.76 -7.24 6.70
CA PRO A 437 13.32 -7.16 6.38
C PRO A 437 12.45 -6.99 7.59
N PHE A 438 12.81 -7.64 8.68
CA PHE A 438 11.98 -7.52 9.89
C PHE A 438 12.12 -6.12 10.49
N GLY A 439 13.36 -5.62 10.57
CA GLY A 439 13.55 -4.25 11.04
C GLY A 439 12.80 -3.23 10.22
N TYR A 440 12.60 -3.50 8.94
CA TYR A 440 11.91 -2.57 8.07
C TYR A 440 10.39 -2.67 8.22
N LEU A 441 9.86 -3.90 8.35
CA LEU A 441 8.42 -4.09 8.22
C LEU A 441 7.62 -3.79 9.50
N VAL A 442 8.22 -3.88 10.68
CA VAL A 442 7.43 -3.74 11.90
C VAL A 442 6.74 -2.39 11.96
N ASP A 443 7.48 -1.32 11.70
CA ASP A 443 6.85 0.00 11.76
C ASP A 443 6.08 0.32 10.48
N GLN A 444 6.33 -0.38 9.37
CA GLN A 444 5.38 -0.30 8.27
C GLN A 444 4.01 -0.75 8.73
N TRP A 445 3.94 -1.85 9.46
CA TRP A 445 2.68 -2.28 10.04
C TRP A 445 2.12 -1.23 10.99
N ARG A 446 2.92 -0.79 11.98
CA ARG A 446 2.40 0.11 12.98
C ARG A 446 2.05 1.46 12.38
N TRP A 447 2.83 1.94 11.41
CA TRP A 447 2.46 3.19 10.74
C TRP A 447 1.09 3.08 10.08
N GLY A 448 0.76 1.90 9.51
CA GLY A 448 -0.55 1.73 8.89
C GLY A 448 -1.66 1.59 9.89
N VAL A 449 -1.37 1.03 11.07
CA VAL A 449 -2.36 1.00 12.13
C VAL A 449 -2.63 2.41 12.64
N PHE A 450 -1.58 3.17 12.94
CA PHE A 450 -1.77 4.55 13.42
C PHE A 450 -2.50 5.41 12.40
N SER A 451 -2.19 5.25 11.11
CA SER A 451 -2.83 6.06 10.08
C SER A 451 -4.28 5.66 9.84
N GLY A 452 -4.72 4.52 10.36
CA GLY A 452 -6.04 4.01 10.04
C GLY A 452 -6.12 3.18 8.77
N ARG A 453 -5.02 3.09 8.01
CA ARG A 453 -5.02 2.23 6.84
C ARG A 453 -5.25 0.77 7.23
N THR A 454 -4.85 0.39 8.44
CA THR A 454 -5.02 -0.95 8.99
C THR A 454 -5.92 -0.87 10.21
N PRO A 455 -7.21 -1.07 10.04
CA PRO A 455 -8.11 -1.11 11.20
C PRO A 455 -7.98 -2.43 11.93
N PRO A 456 -8.52 -2.53 13.15
CA PRO A 456 -8.53 -3.81 13.87
C PRO A 456 -8.91 -5.01 13.00
N SER A 457 -9.86 -4.81 12.10
CA SER A 457 -10.35 -5.89 11.27
C SER A 457 -9.28 -6.45 10.33
N ARG A 458 -8.15 -5.76 10.17
CA ARG A 458 -7.06 -6.23 9.31
C ARG A 458 -5.70 -6.26 10.02
N TYR A 459 -5.67 -6.23 11.35
CA TYR A 459 -4.39 -6.28 12.07
C TYR A 459 -3.55 -7.47 11.63
N ASN A 460 -4.13 -8.67 11.64
CA ASN A 460 -3.33 -9.85 11.32
C ASN A 460 -3.14 -10.05 9.83
N PHE A 461 -4.19 -9.81 9.04
CA PHE A 461 -4.09 -9.81 7.59
C PHE A 461 -2.92 -8.94 7.10
N ASP A 462 -2.84 -7.72 7.59
CA ASP A 462 -1.79 -6.84 7.13
C ASP A 462 -0.44 -7.18 7.74
N TRP A 463 -0.43 -7.74 8.94
CA TRP A 463 0.85 -8.18 9.52
C TRP A 463 1.46 -9.29 8.67
N TRP A 464 0.66 -10.28 8.29
CA TRP A 464 1.22 -11.40 7.55
C TRP A 464 1.48 -11.05 6.10
N TYR A 465 0.69 -10.13 5.52
CA TYR A 465 1.04 -9.57 4.22
C TYR A 465 2.47 -9.06 4.25
N LEU A 466 2.80 -8.24 5.24
CA LEU A 466 4.13 -7.66 5.36
C LEU A 466 5.18 -8.71 5.66
N ARG A 467 4.88 -9.63 6.59
CA ARG A 467 5.82 -10.69 6.90
C ARG A 467 6.13 -11.52 5.68
N THR A 468 5.12 -11.85 4.89
CA THR A 468 5.38 -12.60 3.68
C THR A 468 6.07 -11.75 2.64
N LYS A 469 5.58 -10.52 2.41
CA LYS A 469 6.20 -9.63 1.44
C LYS A 469 7.70 -9.46 1.68
N TYR A 470 8.09 -9.17 2.91
CA TYR A 470 9.46 -8.78 3.23
C TYR A 470 10.32 -9.96 3.66
N GLN A 471 9.87 -10.77 4.61
CA GLN A 471 10.69 -11.84 5.12
C GLN A 471 10.51 -13.15 4.37
N GLY A 472 9.48 -13.28 3.56
CA GLY A 472 9.28 -14.55 2.87
C GLY A 472 9.04 -15.70 3.80
N ILE A 473 8.22 -15.49 4.82
CA ILE A 473 7.83 -16.52 5.78
C ILE A 473 6.31 -16.59 5.78
N CYS A 474 5.80 -17.66 6.38
CA CYS A 474 4.37 -17.88 6.47
C CYS A 474 4.09 -18.51 7.82
N PRO A 475 2.91 -18.29 8.37
CA PRO A 475 2.59 -18.91 9.65
C PRO A 475 2.46 -20.40 9.48
N PRO A 476 2.95 -21.19 10.44
CA PRO A 476 2.89 -22.65 10.29
C PRO A 476 1.56 -23.26 10.72
N VAL A 477 0.66 -22.45 11.28
CA VAL A 477 -0.73 -22.81 11.47
C VAL A 477 -1.58 -21.67 10.91
N THR A 478 -2.80 -22.00 10.53
CA THR A 478 -3.73 -20.99 10.05
C THR A 478 -3.95 -19.92 11.10
N ARG A 479 -4.06 -18.67 10.65
CA ARG A 479 -4.33 -17.54 11.52
C ARG A 479 -5.55 -16.80 10.99
N ASN A 480 -6.27 -16.14 11.90
CA ASN A 480 -7.34 -15.25 11.50
C ASN A 480 -7.30 -14.03 12.40
N GLU A 481 -8.32 -13.19 12.30
CA GLU A 481 -8.27 -11.88 12.97
C GLU A 481 -8.55 -11.96 14.47
N THR A 482 -8.88 -13.13 14.99
CA THR A 482 -8.82 -13.31 16.44
C THR A 482 -7.38 -13.34 16.92
N HIS A 483 -6.49 -13.79 16.07
CA HIS A 483 -5.07 -13.74 16.39
C HIS A 483 -4.54 -12.32 16.19
N PHE A 484 -3.55 -11.97 17.01
CA PHE A 484 -2.91 -10.66 16.95
C PHE A 484 -1.40 -10.89 17.03
N ASP A 485 -0.85 -11.40 15.93
CA ASP A 485 0.50 -11.91 15.99
C ASP A 485 1.53 -10.79 16.12
N ALA A 486 1.22 -9.58 15.65
CA ALA A 486 2.09 -8.44 15.94
C ALA A 486 2.26 -8.23 17.43
N GLY A 487 1.21 -8.49 18.22
CA GLY A 487 1.28 -8.26 19.65
C GLY A 487 2.13 -9.25 20.41
N ALA A 488 2.52 -10.35 19.79
CA ALA A 488 3.42 -11.30 20.40
C ALA A 488 4.88 -10.89 20.23
N LYS A 489 5.14 -9.69 19.70
CA LYS A 489 6.47 -9.10 19.63
C LYS A 489 6.57 -7.96 20.65
N PHE A 490 7.53 -8.07 21.57
CA PHE A 490 7.68 -7.15 22.70
C PHE A 490 7.34 -5.70 22.38
N HIS A 491 7.91 -5.18 21.30
CA HIS A 491 7.86 -3.73 21.07
C HIS A 491 6.45 -3.24 20.78
N VAL A 492 5.54 -4.13 20.44
CA VAL A 492 4.19 -3.67 20.08
C VAL A 492 3.43 -3.33 21.36
N PRO A 493 3.18 -4.28 22.26
CA PRO A 493 2.52 -3.90 23.53
C PRO A 493 3.32 -2.93 24.36
N ASN A 494 4.64 -2.96 24.29
CA ASN A 494 5.44 -2.04 25.09
C ASN A 494 5.71 -0.74 24.36
N VAL A 495 5.06 -0.53 23.23
CA VAL A 495 5.06 0.74 22.49
C VAL A 495 6.46 1.29 22.33
N THR A 496 7.38 0.47 21.84
CA THR A 496 8.72 0.92 21.50
C THR A 496 8.84 0.94 19.99
N PRO A 497 9.12 2.08 19.36
CA PRO A 497 9.26 2.10 17.89
C PRO A 497 10.39 1.20 17.44
N TYR A 498 10.31 0.80 16.17
CA TYR A 498 11.19 -0.23 15.65
C TYR A 498 12.10 0.20 14.50
N ILE A 499 11.74 1.24 13.74
CA ILE A 499 12.52 1.60 12.57
C ILE A 499 13.96 1.96 12.95
N ARG A 500 14.17 2.41 14.19
CA ARG A 500 15.51 2.66 14.72
C ARG A 500 16.43 1.48 14.48
N TYR A 501 15.90 0.26 14.52
CA TYR A 501 16.76 -0.91 14.35
C TYR A 501 17.12 -1.15 12.90
N PHE A 502 16.20 -0.92 11.97
CA PHE A 502 16.60 -0.96 10.56
C PHE A 502 17.67 0.08 10.29
N VAL A 503 17.49 1.29 10.83
CA VAL A 503 18.46 2.36 10.66
C VAL A 503 19.82 1.95 11.24
N SER A 504 19.80 1.39 12.45
N SER A 504 19.81 1.38 12.45
CA SER A 504 21.05 1.03 13.12
CA SER A 504 21.08 1.06 13.11
C SER A 504 21.78 -0.10 12.40
C SER A 504 21.78 -0.12 12.46
N PHE A 505 21.03 -1.08 11.88
CA PHE A 505 21.69 -2.20 11.25
C PHE A 505 22.44 -1.79 10.00
N VAL A 506 22.02 -0.69 9.37
CA VAL A 506 22.79 -0.12 8.26
C VAL A 506 23.89 0.79 8.79
N LEU A 507 23.51 1.67 9.71
CA LEU A 507 24.42 2.67 10.25
C LEU A 507 25.64 2.03 10.91
N GLN A 508 25.44 0.93 11.63
CA GLN A 508 26.55 0.34 12.38
C GLN A 508 27.70 -0.07 11.46
N PHE A 509 27.41 -0.41 10.21
CA PHE A 509 28.47 -0.76 9.28
C PHE A 509 29.17 0.50 8.77
N GLN A 510 28.44 1.62 8.67
CA GLN A 510 29.08 2.90 8.39
C GLN A 510 30.02 3.29 9.53
N PHE A 511 29.56 3.14 10.77
CA PHE A 511 30.41 3.42 11.93
C PHE A 511 31.63 2.52 11.93
N HIS A 512 31.43 1.21 11.79
CA HIS A 512 32.53 0.26 11.77
C HIS A 512 33.61 0.68 10.78
N GLU A 513 33.20 1.06 9.56
CA GLU A 513 34.18 1.43 8.54
C GLU A 513 34.95 2.67 8.97
N ALA A 514 34.23 3.69 9.43
CA ALA A 514 34.89 4.89 9.93
C ALA A 514 35.90 4.55 11.03
N LEU A 515 35.47 3.74 12.00
CA LEU A 515 36.35 3.45 13.12
C LEU A 515 37.50 2.54 12.73
N CYS A 516 37.27 1.62 11.80
CA CYS A 516 38.35 0.74 11.35
C CYS A 516 39.40 1.49 10.55
N LYS A 517 38.97 2.43 9.71
CA LYS A 517 39.91 3.27 8.99
C LYS A 517 40.68 4.16 9.96
N GLU A 518 39.97 4.74 10.93
CA GLU A 518 40.59 5.60 11.93
C GLU A 518 41.54 4.83 12.84
N ALA A 519 41.33 3.53 13.00
CA ALA A 519 42.21 2.71 13.81
C ALA A 519 43.49 2.31 13.09
N GLY A 520 43.63 2.67 11.81
CA GLY A 520 44.76 2.26 11.02
C GLY A 520 44.62 0.89 10.39
N TYR A 521 43.51 0.20 10.63
CA TYR A 521 43.33 -1.11 10.04
C TYR A 521 43.34 -1.00 8.52
N GLU A 522 43.68 -2.09 7.84
CA GLU A 522 43.79 -2.08 6.38
C GLU A 522 43.31 -3.35 5.71
N GLY A 523 43.30 -4.49 6.38
CA GLY A 523 42.80 -5.71 5.81
C GLY A 523 41.31 -5.63 5.50
N PRO A 524 40.70 -6.76 5.20
CA PRO A 524 39.27 -6.76 4.88
C PRO A 524 38.46 -6.17 6.03
N LEU A 525 37.43 -5.40 5.67
CA LEU A 525 36.64 -4.68 6.66
C LEU A 525 36.06 -5.61 7.71
N HIS A 526 35.73 -6.85 7.34
CA HIS A 526 35.07 -7.77 8.24
C HIS A 526 36.03 -8.51 9.16
N GLN A 527 37.33 -8.26 9.05
CA GLN A 527 38.31 -8.81 9.98
C GLN A 527 38.84 -7.74 10.93
N CYS A 528 38.36 -6.50 10.79
CA CYS A 528 38.80 -5.41 11.64
C CYS A 528 38.38 -5.64 13.09
N ASP A 529 39.26 -5.25 14.00
CA ASP A 529 39.00 -5.29 15.44
C ASP A 529 39.56 -3.99 16.00
N ILE A 530 38.69 -3.12 16.51
CA ILE A 530 39.08 -1.79 16.95
C ILE A 530 39.49 -1.80 18.43
N TYR A 531 39.54 -3.00 19.01
CA TYR A 531 39.97 -3.17 20.38
C TYR A 531 41.26 -2.39 20.61
N ARG A 532 41.27 -1.59 21.68
CA ARG A 532 42.45 -0.86 22.14
C ARG A 532 42.87 0.27 21.21
N SER A 533 42.11 0.55 20.15
CA SER A 533 42.38 1.74 19.35
C SER A 533 41.83 2.96 20.06
N THR A 534 42.72 3.75 20.67
CA THR A 534 42.31 4.99 21.32
C THR A 534 41.89 6.05 20.29
N LYS A 535 42.41 5.98 19.07
CA LYS A 535 41.96 6.89 18.02
C LYS A 535 40.49 6.65 17.69
N ALA A 536 40.12 5.38 17.49
CA ALA A 536 38.72 5.04 17.26
C ALA A 536 37.85 5.45 18.45
N GLY A 537 38.30 5.15 19.67
CA GLY A 537 37.58 5.57 20.85
C GLY A 537 37.30 7.06 20.87
N ALA A 538 38.24 7.85 20.33
CA ALA A 538 38.06 9.30 20.32
C ALA A 538 37.02 9.70 19.28
N LYS A 539 37.12 9.14 18.07
CA LYS A 539 36.14 9.42 17.04
C LYS A 539 34.74 9.05 17.51
N LEU A 540 34.61 7.91 18.18
CA LEU A 540 33.31 7.49 18.71
C LEU A 540 32.89 8.37 19.88
N ARG A 541 33.84 8.77 20.73
CA ARG A 541 33.46 9.57 21.89
C ARG A 541 32.89 10.92 21.46
N LYS A 542 33.34 11.47 20.33
CA LYS A 542 32.80 12.74 19.86
C LYS A 542 31.31 12.62 19.56
N VAL A 543 30.91 11.54 18.88
CA VAL A 543 29.50 11.30 18.59
C VAL A 543 28.69 11.22 19.88
N LEU A 544 29.15 10.42 20.84
CA LEU A 544 28.35 10.15 22.03
C LEU A 544 28.10 11.40 22.85
N ARG A 545 29.09 12.29 22.92
CA ARG A 545 28.91 13.51 23.69
C ARG A 545 27.99 14.50 22.99
N ALA A 546 27.90 14.43 21.65
CA ALA A 546 27.04 15.35 20.91
C ALA A 546 25.59 15.23 21.33
N GLY A 547 25.19 14.06 21.85
CA GLY A 547 23.80 13.84 22.18
C GLY A 547 22.93 14.12 20.97
N SER A 548 21.82 14.81 21.21
CA SER A 548 20.96 15.32 20.14
C SER A 548 21.02 16.84 20.08
N SER A 549 22.23 17.39 20.19
CA SER A 549 22.45 18.83 20.12
C SER A 549 22.61 19.31 18.68
N ARG A 550 23.29 18.52 17.86
CA ARG A 550 23.45 18.82 16.45
C ARG A 550 22.65 17.85 15.59
N PRO A 551 22.18 18.30 14.42
CA PRO A 551 21.49 17.38 13.50
C PRO A 551 22.31 16.13 13.22
N TRP A 552 21.63 14.98 13.21
CA TRP A 552 22.33 13.73 13.01
C TRP A 552 23.04 13.72 11.66
N GLN A 553 22.51 14.45 10.67
CA GLN A 553 23.20 14.56 9.39
C GLN A 553 24.55 15.25 9.55
N GLU A 554 24.67 16.18 10.52
CA GLU A 554 25.94 16.85 10.76
C GLU A 554 26.89 15.94 11.53
N VAL A 555 26.42 15.41 12.67
CA VAL A 555 27.23 14.48 13.46
C VAL A 555 27.74 13.35 12.59
N LEU A 556 26.88 12.82 11.71
CA LEU A 556 27.28 11.70 10.87
C LEU A 556 28.37 12.11 9.88
N LYS A 557 28.21 13.27 9.24
CA LYS A 557 29.23 13.76 8.30
C LYS A 557 30.60 13.85 8.97
N ASP A 558 30.63 14.33 10.21
CA ASP A 558 31.88 14.44 10.95
C ASP A 558 32.54 13.08 11.14
N MET A 559 31.76 12.01 11.26
CA MET A 559 32.30 10.71 11.65
C MET A 559 32.69 9.85 10.46
N VAL A 560 31.91 9.86 9.38
CA VAL A 560 32.08 8.88 8.32
C VAL A 560 32.33 9.51 6.95
N GLY A 561 32.13 10.83 6.79
CA GLY A 561 32.33 11.48 5.52
C GLY A 561 31.06 11.75 4.74
N LEU A 562 29.97 11.07 5.06
CA LEU A 562 28.68 11.29 4.44
C LEU A 562 27.72 11.85 5.49
N ASP A 563 26.69 12.54 5.01
CA ASP A 563 25.63 13.07 5.87
C ASP A 563 24.32 12.31 5.67
N ALA A 564 24.39 11.05 5.25
CA ALA A 564 23.19 10.26 5.04
C ALA A 564 23.52 8.78 5.17
N LEU A 565 22.47 8.00 5.44
CA LEU A 565 22.61 6.54 5.50
C LEU A 565 23.09 6.00 4.16
N ASP A 566 23.91 4.97 4.23
CA ASP A 566 24.51 4.38 3.05
C ASP A 566 24.66 2.89 3.30
N ALA A 567 24.22 2.08 2.35
CA ALA A 567 24.33 0.64 2.46
C ALA A 567 25.67 0.10 2.01
N GLN A 568 26.49 0.90 1.34
CA GLN A 568 27.70 0.36 0.75
C GLN A 568 28.65 -0.22 1.78
N PRO A 569 28.88 0.41 2.93
CA PRO A 569 29.71 -0.25 3.95
C PRO A 569 29.19 -1.62 4.32
N LEU A 570 27.88 -1.74 4.57
CA LEU A 570 27.30 -3.06 4.78
C LEU A 570 27.59 -3.96 3.59
N LEU A 571 27.31 -3.47 2.39
CA LEU A 571 27.55 -4.28 1.20
C LEU A 571 29.03 -4.66 1.09
N LYS A 572 29.91 -3.72 1.38
CA LYS A 572 31.36 -3.97 1.34
C LYS A 572 31.74 -5.03 2.37
N TYR A 573 31.13 -4.95 3.56
CA TYR A 573 31.44 -5.90 4.61
C TYR A 573 31.11 -7.33 4.19
N PHE A 574 29.95 -7.54 3.54
CA PHE A 574 29.49 -8.88 3.22
C PHE A 574 29.87 -9.37 1.82
N GLN A 575 30.56 -8.54 1.02
CA GLN A 575 30.90 -8.87 -0.36
C GLN A 575 31.17 -10.35 -0.62
N LEU A 576 32.06 -10.96 0.15
CA LEU A 576 32.52 -12.30 -0.17
C LEU A 576 31.42 -13.34 -0.04
N VAL A 577 30.61 -13.26 1.02
CA VAL A 577 29.54 -14.23 1.20
C VAL A 577 28.34 -13.88 0.33
N THR A 578 28.18 -12.61 -0.06
CA THR A 578 27.17 -12.26 -1.04
C THR A 578 27.42 -12.98 -2.35
N GLN A 579 28.68 -13.06 -2.77
CA GLN A 579 29.03 -13.75 -4.01
C GLN A 579 28.92 -15.27 -3.83
N TRP A 580 29.45 -15.78 -2.73
CA TRP A 580 29.37 -17.22 -2.50
C TRP A 580 27.93 -17.69 -2.42
N LEU A 581 27.05 -16.87 -1.84
CA LEU A 581 25.66 -17.27 -1.71
C LEU A 581 24.99 -17.37 -3.08
N GLN A 582 25.20 -16.37 -3.94
CA GLN A 582 24.65 -16.43 -5.29
C GLN A 582 25.08 -17.71 -5.98
N GLU A 583 26.36 -18.04 -5.89
CA GLU A 583 26.86 -19.23 -6.56
C GLU A 583 26.16 -20.47 -6.03
N GLN A 584 26.14 -20.64 -4.70
CA GLN A 584 25.50 -21.82 -4.14
C GLN A 584 24.08 -21.97 -4.66
N ASN A 585 23.33 -20.87 -4.69
CA ASN A 585 21.92 -20.95 -5.08
C ASN A 585 21.79 -21.29 -6.58
N GLN A 586 22.65 -20.71 -7.42
CA GLN A 586 22.63 -21.07 -8.84
C GLN A 586 22.95 -22.54 -9.05
N GLN A 587 24.00 -23.03 -8.39
CA GLN A 587 24.38 -24.44 -8.54
C GLN A 587 23.24 -25.36 -8.13
N ASN A 588 22.45 -24.96 -7.13
CA ASN A 588 21.29 -25.74 -6.70
C ASN A 588 20.03 -25.39 -7.48
N GLY A 589 20.11 -24.47 -8.43
CA GLY A 589 18.94 -24.10 -9.21
C GLY A 589 17.82 -23.53 -8.36
N GLU A 590 18.18 -22.76 -7.33
CA GLU A 590 17.17 -22.18 -6.46
C GLU A 590 16.37 -21.11 -7.20
N VAL A 591 15.10 -20.97 -6.82
CA VAL A 591 14.34 -19.78 -7.17
C VAL A 591 14.55 -18.76 -6.05
N LEU A 592 14.98 -17.56 -6.43
CA LEU A 592 15.05 -16.46 -5.50
C LEU A 592 13.64 -15.91 -5.29
N GLY A 593 13.23 -15.82 -4.05
CA GLY A 593 11.87 -15.40 -3.75
C GLY A 593 10.99 -16.57 -3.44
N TRP A 594 9.70 -16.26 -3.34
CA TRP A 594 8.70 -17.21 -2.88
C TRP A 594 7.44 -17.05 -3.72
N PRO A 595 7.51 -17.44 -5.00
CA PRO A 595 6.38 -17.22 -5.90
C PRO A 595 5.13 -17.97 -5.52
N GLU A 596 5.23 -19.10 -4.81
CA GLU A 596 4.06 -19.77 -4.26
C GLU A 596 3.68 -19.10 -2.94
N TYR A 597 3.23 -17.85 -3.06
CA TYR A 597 3.02 -16.99 -1.91
C TYR A 597 1.84 -17.44 -1.05
N GLN A 598 0.94 -18.24 -1.62
CA GLN A 598 -0.20 -18.76 -0.88
C GLN A 598 0.16 -19.97 -0.02
N TRP A 599 1.36 -20.50 -0.17
CA TRP A 599 1.65 -21.80 0.41
C TRP A 599 1.83 -21.69 1.91
N HIS A 600 1.21 -22.63 2.62
CA HIS A 600 1.44 -22.87 4.03
C HIS A 600 1.71 -24.34 4.26
N PRO A 601 2.49 -24.69 5.28
CA PRO A 601 2.79 -26.09 5.53
C PRO A 601 1.60 -26.80 6.16
N PRO A 602 1.55 -28.11 6.05
CA PRO A 602 0.52 -28.88 6.77
C PRO A 602 0.87 -29.04 8.24
N LEU A 603 -0.15 -29.40 9.01
CA LEU A 603 0.06 -29.73 10.40
C LEU A 603 0.81 -31.06 10.51
N PRO A 604 1.56 -31.25 11.58
CA PRO A 604 2.06 -32.60 11.89
C PRO A 604 0.90 -33.53 12.22
N ASP A 605 1.07 -34.81 11.86
CA ASP A 605 -0.03 -35.76 11.96
C ASP A 605 -0.66 -35.76 13.35
N ASN A 606 0.14 -36.06 14.37
CA ASN A 606 -0.35 -36.08 15.76
C ASN A 606 -0.01 -34.72 16.36
N TYR A 607 -0.92 -33.76 16.18
CA TYR A 607 -0.72 -32.42 16.72
C TYR A 607 -2.02 -31.91 17.32
N PRO A 608 -2.00 -31.39 18.56
CA PRO A 608 -0.84 -31.24 19.45
C PRO A 608 -0.50 -32.49 20.29
N GLU A 609 -1.05 -33.64 19.93
CA GLU A 609 -0.84 -34.85 20.71
C GLU A 609 0.58 -35.39 20.52
N GLY A 610 1.17 -35.89 21.61
CA GLY A 610 2.50 -36.46 21.56
C GLY A 610 3.57 -35.46 21.20
N LEU B 1 5.81 12.10 -41.54
CA LEU B 1 4.56 12.86 -41.30
C LEU B 1 4.22 13.73 -42.50
N ASP B 2 3.02 13.56 -43.03
CA ASP B 2 2.63 14.27 -44.24
C ASP B 2 2.82 15.78 -44.05
N PRO B 3 3.29 16.50 -45.07
CA PRO B 3 3.55 17.93 -44.86
C PRO B 3 2.33 18.69 -44.37
N GLY B 4 1.14 18.32 -44.84
CA GLY B 4 -0.08 18.98 -44.36
C GLY B 4 -0.30 18.84 -42.87
N LEU B 5 0.31 17.84 -42.24
CA LEU B 5 0.07 17.56 -40.83
C LEU B 5 1.11 18.17 -39.91
N GLN B 6 2.24 18.80 -40.47
CA GLN B 6 3.36 19.26 -39.66
C GLN B 6 3.14 20.68 -39.16
N PRO B 7 3.60 21.03 -37.96
CA PRO B 7 3.41 22.40 -37.48
C PRO B 7 4.20 23.40 -38.30
N GLY B 8 3.54 24.50 -38.63
CA GLY B 8 4.20 25.65 -39.20
C GLY B 8 4.89 26.47 -38.13
N GLN B 9 4.94 27.77 -38.33
CA GLN B 9 5.60 28.65 -37.40
C GLN B 9 4.57 29.56 -36.78
N PHE B 10 4.67 29.76 -35.49
N PHE B 10 4.89 29.97 -35.54
CA PHE B 10 3.58 30.44 -34.84
CA PHE B 10 4.15 30.96 -34.74
C PHE B 10 4.21 31.43 -33.90
C PHE B 10 5.14 31.76 -33.89
N SER B 11 3.67 32.64 -33.91
N SER B 11 4.61 32.60 -33.00
CA SER B 11 4.08 33.63 -32.93
CA SER B 11 5.40 33.48 -32.15
C SER B 11 4.22 32.97 -31.57
C SER B 11 5.54 32.92 -30.74
N ALA B 12 5.22 33.36 -30.82
N ALA B 12 6.61 33.33 -30.06
CA ALA B 12 5.47 32.77 -29.51
CA ALA B 12 6.95 32.80 -28.74
C ALA B 12 4.63 33.46 -28.44
C ALA B 12 6.45 33.75 -27.65
N ASP B 13 3.32 33.49 -28.68
N ASP B 13 5.12 33.85 -27.56
CA ASP B 13 2.40 34.18 -27.79
CA ASP B 13 4.46 34.64 -26.54
C ASP B 13 1.00 33.59 -27.96
C ASP B 13 3.02 34.16 -26.44
N GLU B 14 0.02 34.22 -27.30
N GLU B 14 2.26 34.76 -25.52
CA GLU B 14 -1.31 33.65 -27.22
CA GLU B 14 0.86 34.37 -25.33
C GLU B 14 -2.07 33.72 -28.54
C GLU B 14 0.08 34.37 -26.63
N ALA B 15 -1.80 34.75 -29.36
N ALA B 15 0.13 35.48 -27.36
CA ALA B 15 -2.50 34.86 -30.64
CA ALA B 15 -0.71 35.63 -28.55
C ALA B 15 -2.00 33.82 -31.64
C ALA B 15 -0.35 34.61 -29.62
N GLY B 16 -0.75 33.41 -31.53
N GLY B 16 0.94 34.27 -29.74
CA GLY B 16 -0.22 32.35 -32.38
CA GLY B 16 1.33 33.21 -30.66
C GLY B 16 -0.62 30.97 -31.89
C GLY B 16 0.87 31.85 -30.19
N ALA B 17 -0.65 30.80 -30.57
N ALA B 17 0.83 31.63 -28.88
CA ALA B 17 -1.13 29.55 -30.01
CA ALA B 17 0.34 30.38 -28.33
C ALA B 17 -2.54 29.22 -30.49
C ALA B 17 -1.14 30.15 -28.65
N GLN B 18 -3.38 30.25 -30.66
N GLN B 18 -1.94 31.23 -28.70
CA GLN B 18 -4.77 30.00 -31.05
CA GLN B 18 -3.32 31.06 -29.11
C GLN B 18 -4.85 29.56 -32.52
C GLN B 18 -3.40 30.57 -30.56
N LEU B 19 -4.07 30.20 -33.41
N LEU B 19 -2.64 31.19 -31.46
CA LEU B 19 -3.99 29.69 -34.77
CA LEU B 19 -2.62 30.75 -32.85
C LEU B 19 -3.31 28.33 -34.81
C LEU B 19 -2.06 29.33 -32.96
N PHE B 20 -2.31 28.14 -33.93
N PHE B 20 -1.04 29.02 -32.17
CA PHE B 20 -1.66 26.84 -33.79
CA PHE B 20 -0.52 27.66 -32.09
C PHE B 20 -2.69 25.74 -33.50
C PHE B 20 -1.62 26.67 -31.72
N ALA B 21 -3.57 25.97 -32.53
N ALA B 21 -2.29 26.93 -30.60
CA ALA B 21 -4.60 24.99 -32.22
CA ALA B 21 -3.35 26.04 -30.13
C ALA B 21 -5.53 24.77 -33.40
C ALA B 21 -4.41 25.82 -31.20
N GLN B 22 -5.90 25.85 -34.11
N GLN B 22 -4.78 26.88 -31.93
CA GLN B 22 -6.78 25.71 -35.27
CA GLN B 22 -5.78 26.77 -32.98
C GLN B 22 -6.16 24.83 -36.34
C GLN B 22 -5.30 25.87 -34.11
N SER B 23 -4.87 25.07 -36.66
N SER B 23 -4.06 26.09 -34.57
CA SER B 23 -4.21 24.21 -37.62
CA SER B 23 -3.52 25.28 -35.67
C SER B 23 -4.04 22.80 -37.08
C SER B 23 -3.32 23.83 -35.22
N TYR B 24 -3.69 22.67 -35.80
N TYR B 24 -2.89 23.63 -33.98
CA TYR B 24 -3.65 21.36 -35.15
CA TYR B 24 -2.73 22.28 -33.46
C TYR B 24 -4.98 20.63 -35.34
C TYR B 24 -4.04 21.49 -33.52
N GLN B 25 -6.07 21.29 -34.94
N GLN B 25 -5.15 22.11 -33.11
CA GLN B 25 -7.42 20.77 -35.17
CA GLN B 25 -6.44 21.43 -33.10
C GLN B 25 -7.59 20.18 -36.56
C GLN B 25 -6.86 21.02 -34.49
N SER B 26 -7.13 20.92 -37.58
N SER B 26 -6.54 21.83 -35.50
CA SER B 26 -7.34 20.50 -38.96
CA SER B 26 -7.08 21.63 -36.84
C SER B 26 -6.71 19.14 -39.21
C SER B 26 -6.64 20.30 -37.44
N SER B 27 -5.44 18.98 -38.83
N SER B 27 -5.34 20.03 -37.42
CA SER B 27 -4.71 17.75 -39.09
CA SER B 27 -4.83 18.88 -38.18
C SER B 27 -4.92 16.72 -37.98
C SER B 27 -5.05 17.56 -37.46
N ALA B 28 -4.90 17.15 -36.72
N ALA B 28 -5.12 17.56 -36.13
CA ALA B 28 -5.20 16.24 -35.62
CA ALA B 28 -5.29 16.32 -35.38
C ALA B 28 -6.48 15.46 -35.87
C ALA B 28 -6.48 15.49 -35.84
N GLU B 29 -7.49 16.12 -36.45
CA GLU B 29 -8.73 15.41 -36.75
C GLU B 29 -8.50 14.28 -37.74
N GLN B 30 -7.70 14.53 -38.77
CA GLN B 30 -7.35 13.46 -39.70
C GLN B 30 -6.49 12.41 -39.01
N VAL B 31 -5.59 12.86 -38.13
CA VAL B 31 -4.76 11.93 -37.37
C VAL B 31 -5.61 11.12 -36.41
N LEU B 32 -6.41 11.79 -35.59
CA LEU B 32 -7.38 11.08 -34.75
C LEU B 32 -8.25 10.17 -35.59
N PHE B 33 -8.73 10.64 -36.74
CA PHE B 33 -9.62 9.80 -37.55
C PHE B 33 -8.91 8.55 -38.05
N GLN B 34 -7.70 8.68 -38.61
CA GLN B 34 -7.02 7.49 -39.15
C GLN B 34 -6.69 6.48 -38.05
N SER B 35 -6.32 6.98 -36.87
CA SER B 35 -6.09 6.09 -35.73
C SER B 35 -7.36 5.32 -35.37
N VAL B 36 -8.46 6.05 -35.14
CA VAL B 36 -9.69 5.39 -34.75
C VAL B 36 -10.13 4.41 -35.82
N ALA B 37 -10.08 4.83 -37.09
CA ALA B 37 -10.52 3.97 -38.17
C ALA B 37 -9.74 2.66 -38.18
N ALA B 38 -8.42 2.75 -37.98
CA ALA B 38 -7.59 1.55 -37.98
C ALA B 38 -7.85 0.69 -36.76
N SER B 39 -8.10 1.32 -35.60
CA SER B 39 -8.51 0.55 -34.44
C SER B 39 -9.83 -0.16 -34.69
N TRP B 40 -10.81 0.54 -35.27
CA TRP B 40 -12.08 -0.08 -35.60
C TRP B 40 -11.87 -1.28 -36.52
N ALA B 41 -11.11 -1.07 -37.59
CA ALA B 41 -10.84 -2.15 -38.52
C ALA B 41 -10.27 -3.35 -37.80
N HIS B 42 -9.41 -3.13 -36.82
CA HIS B 42 -8.82 -4.26 -36.11
C HIS B 42 -9.80 -4.86 -35.11
N ASP B 43 -10.45 -4.01 -34.31
CA ASP B 43 -11.29 -4.51 -33.21
C ASP B 43 -12.54 -5.22 -33.70
N THR B 44 -13.04 -4.89 -34.90
CA THR B 44 -14.16 -5.60 -35.48
C THR B 44 -13.72 -6.75 -36.40
N ASN B 45 -12.42 -7.06 -36.43
CA ASN B 45 -11.89 -8.03 -37.39
C ASN B 45 -10.42 -8.28 -37.07
N ILE B 46 -10.16 -9.16 -36.11
CA ILE B 46 -8.83 -9.29 -35.53
C ILE B 46 -8.00 -10.16 -36.48
N THR B 47 -7.06 -9.53 -37.17
CA THR B 47 -6.15 -10.23 -38.07
C THR B 47 -4.76 -9.63 -37.89
N ALA B 48 -3.74 -10.41 -38.25
CA ALA B 48 -2.39 -9.89 -38.19
C ALA B 48 -2.25 -8.63 -39.03
N GLU B 49 -2.86 -8.64 -40.22
CA GLU B 49 -2.75 -7.50 -41.12
C GLU B 49 -3.42 -6.26 -40.53
N ASN B 50 -4.60 -6.41 -39.92
CA ASN B 50 -5.24 -5.26 -39.30
C ASN B 50 -4.44 -4.78 -38.08
N ALA B 51 -3.75 -5.68 -37.40
CA ALA B 51 -2.86 -5.25 -36.32
C ALA B 51 -1.71 -4.40 -36.88
N ARG B 52 -1.12 -4.83 -38.00
CA ARG B 52 -0.03 -4.04 -38.58
C ARG B 52 -0.52 -2.65 -38.97
N ARG B 53 -1.69 -2.58 -39.63
CA ARG B 53 -2.23 -1.29 -40.02
C ARG B 53 -2.48 -0.42 -38.80
N GLN B 54 -2.97 -1.00 -37.73
CA GLN B 54 -3.22 -0.24 -36.53
C GLN B 54 -1.91 0.23 -35.90
N GLU B 55 -0.88 -0.60 -35.93
CA GLU B 55 0.40 -0.15 -35.37
C GLU B 55 1.00 0.97 -36.21
N GLU B 56 0.84 0.89 -37.53
CA GLU B 56 1.34 1.97 -38.38
C GLU B 56 0.56 3.25 -38.17
N ALA B 57 -0.76 3.16 -37.95
CA ALA B 57 -1.52 4.34 -37.58
C ALA B 57 -1.06 4.90 -36.23
N ALA B 58 -0.72 4.03 -35.29
CA ALA B 58 -0.18 4.49 -34.01
C ALA B 58 1.12 5.24 -34.20
N LEU B 59 2.02 4.72 -35.06
CA LEU B 59 3.28 5.40 -35.29
C LEU B 59 3.05 6.77 -35.88
N LEU B 60 2.09 6.89 -36.80
CA LEU B 60 1.77 8.17 -37.38
C LEU B 60 1.30 9.13 -36.29
N SER B 61 0.40 8.67 -35.41
CA SER B 61 -0.03 9.51 -34.30
C SER B 61 1.14 9.96 -33.45
N GLN B 62 2.14 9.10 -33.28
CA GLN B 62 3.30 9.45 -32.46
C GLN B 62 4.18 10.50 -33.15
N GLU B 63 4.37 10.38 -34.47
CA GLU B 63 5.13 11.41 -35.20
C GLU B 63 4.47 12.76 -35.09
N PHE B 64 3.16 12.80 -35.35
CA PHE B 64 2.35 14.00 -35.18
C PHE B 64 2.47 14.55 -33.78
N ALA B 65 2.19 13.71 -32.77
CA ALA B 65 2.31 14.15 -31.39
C ALA B 65 3.71 14.71 -31.10
N GLU B 66 4.75 14.05 -31.61
CA GLU B 66 6.11 14.55 -31.43
C GLU B 66 6.31 15.90 -32.11
N ALA B 67 5.89 16.03 -33.36
CA ALA B 67 6.13 17.27 -34.11
C ALA B 67 5.49 18.46 -33.40
N TRP B 68 4.18 18.38 -33.14
CA TRP B 68 3.46 19.48 -32.50
C TRP B 68 3.83 19.61 -31.03
N GLY B 69 4.10 18.48 -30.38
CA GLY B 69 4.60 18.54 -29.01
C GLY B 69 5.90 19.29 -28.89
N GLN B 70 6.88 18.96 -29.74
CA GLN B 70 8.19 19.61 -29.66
C GLN B 70 8.08 21.09 -29.98
N LYS B 71 7.16 21.46 -30.87
CA LYS B 71 7.01 22.86 -31.23
C LYS B 71 6.53 23.69 -30.03
N ALA B 72 5.52 23.19 -29.31
CA ALA B 72 5.06 23.83 -28.07
C ALA B 72 6.21 24.05 -27.11
N LYS B 73 6.93 22.98 -26.78
CA LYS B 73 8.05 23.10 -25.87
C LYS B 73 9.13 24.01 -26.42
N GLU B 74 9.20 24.17 -27.75
CA GLU B 74 10.21 25.04 -28.33
C GLU B 74 9.87 26.51 -28.09
N LEU B 75 8.60 26.86 -28.19
N LEU B 75 8.60 26.86 -28.17
CA LEU B 75 8.14 28.24 -28.12
CA LEU B 75 8.19 28.27 -28.12
C LEU B 75 7.70 28.67 -26.73
C LEU B 75 7.71 28.73 -26.75
N TYR B 76 7.25 27.73 -25.88
N TYR B 76 7.28 27.81 -25.87
CA TYR B 76 6.48 28.07 -24.70
CA TYR B 76 6.52 28.19 -24.69
C TYR B 76 6.89 27.37 -23.41
C TYR B 76 6.95 27.54 -23.38
N GLU B 77 7.80 26.39 -23.45
N GLU B 77 7.98 26.68 -23.40
CA GLU B 77 7.98 25.49 -22.31
CA GLU B 77 8.28 25.88 -22.22
C GLU B 77 7.98 26.23 -20.98
C GLU B 77 8.43 26.71 -20.93
N PRO B 78 8.59 27.42 -20.87
N PRO B 78 9.15 27.82 -20.91
CA PRO B 78 8.55 28.17 -19.60
CA PRO B 78 9.34 28.57 -19.66
C PRO B 78 7.49 29.26 -19.49
C PRO B 78 8.35 29.70 -19.42
N ILE B 79 6.56 29.40 -20.44
N ILE B 79 7.34 29.88 -20.27
CA ILE B 79 5.63 30.54 -20.42
CA ILE B 79 6.40 30.99 -20.11
C ILE B 79 4.22 30.19 -20.90
C ILE B 79 4.97 30.47 -20.01
N TRP B 80 3.86 28.91 -20.96
N TRP B 80 4.71 29.32 -20.63
CA TRP B 80 2.60 28.54 -21.61
CA TRP B 80 3.34 28.82 -20.72
C TRP B 80 1.40 28.50 -20.65
C TRP B 80 2.70 28.67 -19.35
N GLN B 81 1.63 28.50 -19.35
N GLN B 81 3.51 28.42 -18.31
CA GLN B 81 0.55 28.29 -18.39
CA GLN B 81 2.95 28.14 -16.99
C GLN B 81 -0.20 29.57 -18.04
C GLN B 81 2.20 29.35 -16.42
N GLN B 82 0.18 30.70 -18.63
N GLN B 82 2.56 30.56 -16.86
CA GLN B 82 -0.42 31.99 -18.29
CA GLN B 82 1.93 31.77 -16.35
C GLN B 82 -1.37 32.50 -19.37
C GLN B 82 1.17 32.53 -17.45
N PHE B 83 -1.73 31.67 -20.36
N PHE B 83 0.77 31.84 -18.51
CA PHE B 83 -2.71 32.12 -21.35
CA PHE B 83 -0.16 32.42 -19.47
C PHE B 83 -4.01 32.54 -20.65
C PHE B 83 -1.47 32.75 -18.76
N THR B 84 -4.65 33.55 -21.22
N THR B 84 -2.10 33.86 -19.17
CA THR B 84 -5.91 34.05 -20.67
CA THR B 84 -3.28 34.34 -18.44
C THR B 84 -7.12 33.27 -21.18
C THR B 84 -4.53 33.54 -18.76
N ASP B 85 -6.97 32.54 -22.29
N ASP B 85 -4.67 33.09 -20.00
CA ASP B 85 -8.03 31.72 -22.83
CA ASP B 85 -5.87 32.35 -20.41
C ASP B 85 -8.00 30.38 -22.11
C ASP B 85 -5.86 30.96 -19.81
N PRO B 86 -8.95 30.09 -21.22
N PRO B 86 -6.79 30.62 -18.89
CA PRO B 86 -8.84 28.84 -20.45
CA PRO B 86 -6.76 29.27 -18.31
C PRO B 86 -8.91 27.59 -21.31
C PRO B 86 -6.89 28.16 -19.35
N GLN B 87 -9.81 27.55 -22.28
N GLN B 87 -7.81 28.30 -20.30
CA GLN B 87 -9.88 26.39 -23.17
CA GLN B 87 -8.01 27.26 -21.30
C GLN B 87 -8.58 26.23 -23.93
C GLN B 87 -6.76 27.01 -22.11
N LEU B 88 -7.99 27.34 -24.37
N LEU B 88 -5.97 28.07 -22.35
CA LEU B 88 -6.73 27.30 -25.08
CA LEU B 88 -4.74 27.93 -23.12
C LEU B 88 -5.62 26.73 -24.20
C LEU B 88 -3.70 27.11 -22.36
N ARG B 89 -5.61 27.08 -22.91
N ARG B 89 -3.66 27.27 -21.04
CA ARG B 89 -4.67 26.41 -22.00
CA ARG B 89 -2.70 26.52 -20.23
C ARG B 89 -4.86 24.89 -22.04
C ARG B 89 -2.91 25.02 -20.36
N ARG B 90 -6.10 24.43 -21.96
N ARG B 90 -4.17 24.58 -20.32
CA ARG B 90 -6.35 22.99 -21.92
CA ARG B 90 -4.45 23.14 -20.40
C ARG B 90 -5.95 22.33 -23.23
C ARG B 90 -4.04 22.58 -21.76
N ILE B 91 -6.03 23.05 -24.35
N ILE B 91 -4.25 23.34 -22.83
CA ILE B 91 -5.64 22.50 -25.64
CA ILE B 91 -3.91 22.87 -24.17
C ILE B 91 -4.12 22.34 -25.70
C ILE B 91 -2.40 22.78 -24.33
N ILE B 92 -3.39 23.41 -25.42
N ILE B 92 -1.69 23.88 -24.02
CA ILE B 92 -1.93 23.34 -25.48
CA ILE B 92 -0.24 23.84 -24.12
C ILE B 92 -1.41 22.37 -24.43
C ILE B 92 0.34 22.81 -23.17
N GLY B 93 -2.01 22.37 -23.25
N GLY B 93 -0.19 22.75 -21.94
CA GLY B 93 -1.62 21.40 -22.24
CA GLY B 93 0.30 21.78 -20.98
C GLY B 93 -1.67 19.97 -22.76
C GLY B 93 0.15 20.35 -21.45
N ALA B 94 -2.73 19.64 -23.51
N ALA B 94 -0.90 20.08 -22.23
CA ALA B 94 -2.87 18.29 -24.06
CA ALA B 94 -1.11 18.75 -22.80
C ALA B 94 -1.83 18.04 -25.15
C ALA B 94 -0.23 18.52 -24.02
N VAL B 95 -1.68 19.00 -26.07
N VAL B 95 -0.12 19.51 -24.90
CA VAL B 95 -0.78 18.80 -27.21
CA VAL B 95 0.77 19.38 -26.05
C VAL B 95 0.65 18.58 -26.72
C VAL B 95 2.19 19.12 -25.59
N ARG B 96 1.08 19.31 -25.69
N ARG B 96 2.58 19.66 -24.44
CA ARG B 96 2.46 19.20 -25.25
CA ARG B 96 3.92 19.49 -23.90
C ARG B 96 2.72 17.94 -24.45
C ARG B 96 4.16 18.10 -23.33
N THR B 97 1.70 17.13 -24.15
N THR B 97 3.11 17.33 -23.07
CA THR B 97 1.88 15.85 -23.47
CA THR B 97 3.25 15.96 -22.55
C THR B 97 2.17 14.83 -24.56
C THR B 97 3.20 15.03 -23.75
N LEU B 98 3.45 14.43 -24.68
N LEU B 98 4.36 14.50 -24.12
CA LEU B 98 3.84 13.53 -25.76
CA LEU B 98 4.46 13.71 -25.35
C LEU B 98 3.57 12.08 -25.41
C LEU B 98 4.01 12.27 -25.19
N GLY B 99 3.78 11.71 -24.16
N GLY B 99 4.00 11.73 -23.98
CA GLY B 99 3.54 10.33 -23.77
CA GLY B 99 3.56 10.36 -23.81
C GLY B 99 4.46 9.40 -24.54
C GLY B 99 4.47 9.41 -24.55
N SER B 100 3.88 8.37 -25.14
CA SER B 100 4.68 7.38 -25.87
C SER B 100 5.49 7.99 -27.00
N ALA B 101 5.08 9.16 -27.50
CA ALA B 101 5.87 9.84 -28.51
C ALA B 101 7.23 10.30 -27.99
N ASN B 102 7.45 10.24 -26.66
CA ASN B 102 8.76 10.48 -26.11
C ASN B 102 9.71 9.31 -26.36
N LEU B 103 9.18 8.15 -26.66
CA LEU B 103 10.04 6.99 -26.87
C LEU B 103 10.74 7.11 -28.22
N PRO B 104 11.99 6.67 -28.33
CA PRO B 104 12.61 6.57 -29.66
C PRO B 104 11.86 5.56 -30.52
N LEU B 105 12.07 5.67 -31.85
CA LEU B 105 11.29 4.89 -32.81
C LEU B 105 11.21 3.41 -32.42
N ALA B 106 12.36 2.79 -32.15
CA ALA B 106 12.34 1.35 -31.86
C ALA B 106 11.46 1.04 -30.66
N LYS B 107 11.49 1.90 -29.64
CA LYS B 107 10.66 1.64 -28.47
C LYS B 107 9.20 1.98 -28.72
N ARG B 108 8.91 2.98 -29.56
CA ARG B 108 7.54 3.20 -30.03
C ARG B 108 6.99 1.95 -30.69
N GLN B 109 7.77 1.35 -31.59
CA GLN B 109 7.30 0.15 -32.27
C GLN B 109 7.08 -0.98 -31.30
N GLN B 110 7.98 -1.14 -30.32
CA GLN B 110 7.82 -2.15 -29.27
C GLN B 110 6.54 -1.88 -28.47
N TYR B 111 6.34 -0.62 -28.10
CA TYR B 111 5.16 -0.23 -27.34
C TYR B 111 3.87 -0.55 -28.10
N ASN B 112 3.77 -0.07 -29.34
CA ASN B 112 2.58 -0.31 -30.14
C ASN B 112 2.34 -1.79 -30.37
N ALA B 113 3.41 -2.55 -30.58
CA ALA B 113 3.26 -3.99 -30.76
C ALA B 113 2.76 -4.65 -29.49
N LEU B 114 3.24 -4.22 -28.33
CA LEU B 114 2.77 -4.79 -27.06
C LEU B 114 1.28 -4.53 -26.86
N LEU B 115 0.82 -3.32 -27.15
CA LEU B 115 -0.60 -3.03 -27.03
C LEU B 115 -1.40 -3.96 -27.92
N SER B 116 -0.92 -4.16 -29.16
CA SER B 116 -1.66 -4.99 -30.10
C SER B 116 -1.69 -6.44 -29.63
N GLN B 117 -0.55 -6.97 -29.17
N GLN B 117 -0.53 -6.97 -29.20
CA GLN B 117 -0.50 -8.37 -28.78
CA GLN B 117 -0.46 -8.35 -28.76
C GLN B 117 -1.24 -8.63 -27.47
C GLN B 117 -1.29 -8.58 -27.52
N MET B 118 -1.25 -7.65 -26.57
CA MET B 118 -2.02 -7.82 -25.33
C MET B 118 -3.53 -7.83 -25.62
N SER B 119 -3.97 -6.94 -26.50
CA SER B 119 -5.37 -6.89 -26.89
C SER B 119 -5.79 -8.19 -27.57
N ARG B 120 -4.93 -8.72 -28.42
CA ARG B 120 -5.24 -9.96 -29.11
C ARG B 120 -5.29 -11.13 -28.14
N ILE B 121 -4.35 -11.21 -27.21
CA ILE B 121 -4.36 -12.32 -26.26
C ILE B 121 -5.66 -12.33 -25.47
N TYR B 122 -6.08 -11.17 -24.98
CA TYR B 122 -7.28 -11.10 -24.16
C TYR B 122 -8.52 -11.47 -24.96
N SER B 123 -8.67 -10.89 -26.15
CA SER B 123 -9.91 -11.02 -26.88
C SER B 123 -10.01 -12.29 -27.73
N THR B 124 -8.94 -13.07 -27.84
CA THR B 124 -9.02 -14.36 -28.53
C THR B 124 -8.76 -15.52 -27.58
N ALA B 125 -8.51 -15.26 -26.31
CA ALA B 125 -8.32 -16.36 -25.37
C ALA B 125 -9.59 -17.19 -25.30
N LYS B 126 -9.39 -18.50 -25.09
CA LYS B 126 -10.47 -19.45 -25.07
C LYS B 126 -10.22 -20.48 -23.99
N VAL B 127 -11.31 -21.07 -23.50
CA VAL B 127 -11.25 -22.19 -22.57
C VAL B 127 -11.71 -23.44 -23.31
N CYS B 128 -10.88 -24.48 -23.27
CA CYS B 128 -11.11 -25.70 -24.03
C CYS B 128 -11.33 -26.87 -23.08
N LEU B 129 -12.06 -27.88 -23.56
CA LEU B 129 -12.36 -29.06 -22.76
C LEU B 129 -11.57 -30.27 -23.24
N ALA B 134 -11.31 -30.79 -27.52
CA ALA B 134 -11.62 -30.54 -28.92
C ALA B 134 -12.18 -29.14 -29.13
N THR B 135 -13.27 -28.84 -28.43
CA THR B 135 -14.01 -27.59 -28.57
C THR B 135 -13.70 -26.63 -27.42
N CYS B 136 -13.97 -25.35 -27.65
CA CYS B 136 -13.49 -24.28 -26.77
C CYS B 136 -14.53 -23.20 -26.58
N TRP B 137 -14.59 -22.66 -25.36
CA TRP B 137 -15.53 -21.59 -25.02
C TRP B 137 -14.83 -20.24 -25.03
N SER B 138 -15.52 -19.23 -25.55
CA SER B 138 -15.04 -17.86 -25.51
C SER B 138 -15.63 -17.17 -24.28
N LEU B 139 -14.99 -16.06 -23.90
CA LEU B 139 -15.48 -15.28 -22.78
C LEU B 139 -16.90 -14.81 -23.04
N ASP B 140 -17.10 -14.12 -24.14
CA ASP B 140 -18.40 -13.60 -24.52
C ASP B 140 -18.88 -14.34 -25.76
N PRO B 141 -19.99 -15.11 -25.71
CA PRO B 141 -20.95 -15.25 -24.61
C PRO B 141 -20.77 -16.48 -23.69
N ASP B 142 -19.98 -17.47 -24.09
CA ASP B 142 -20.01 -18.76 -23.41
C ASP B 142 -19.68 -18.65 -21.93
N LEU B 143 -18.47 -18.23 -21.59
CA LEU B 143 -18.08 -18.18 -20.18
C LEU B 143 -18.94 -17.19 -19.40
N THR B 144 -19.29 -16.06 -20.03
CA THR B 144 -20.16 -15.09 -19.38
C THR B 144 -21.47 -15.74 -18.96
N ASN B 145 -22.02 -16.59 -19.82
CA ASN B 145 -23.29 -17.24 -19.51
C ASN B 145 -23.12 -18.28 -18.40
N ILE B 146 -22.00 -18.99 -18.40
CA ILE B 146 -21.76 -19.96 -17.32
C ILE B 146 -21.69 -19.24 -15.98
N LEU B 147 -20.87 -18.19 -15.89
CA LEU B 147 -20.76 -17.45 -14.63
C LEU B 147 -22.10 -16.90 -14.18
N ALA B 148 -22.95 -16.50 -15.12
CA ALA B 148 -24.18 -15.82 -14.74
C ALA B 148 -25.33 -16.78 -14.43
N SER B 149 -25.44 -17.88 -15.15
N SER B 149 -25.41 -17.92 -15.10
CA SER B 149 -26.58 -18.78 -15.01
CA SER B 149 -26.59 -18.77 -15.04
C SER B 149 -26.26 -20.05 -14.24
C SER B 149 -26.33 -20.20 -14.56
N SER B 150 -25.07 -20.62 -14.44
CA SER B 150 -24.77 -21.88 -13.80
C SER B 150 -24.71 -21.72 -12.28
N ARG B 151 -25.08 -22.81 -11.59
CA ARG B 151 -25.04 -22.88 -10.14
C ARG B 151 -24.30 -24.14 -9.70
N SER B 152 -23.58 -24.75 -10.61
CA SER B 152 -22.70 -25.87 -10.28
C SER B 152 -21.36 -25.30 -9.89
N TYR B 153 -21.01 -25.45 -8.60
CA TYR B 153 -19.73 -24.99 -8.11
C TYR B 153 -18.60 -25.42 -9.05
N ALA B 154 -18.60 -26.70 -9.46
CA ALA B 154 -17.49 -27.22 -10.24
C ALA B 154 -17.48 -26.66 -11.66
N MET B 155 -18.65 -26.39 -12.23
CA MET B 155 -18.71 -25.78 -13.56
C MET B 155 -18.25 -24.34 -13.52
N LEU B 156 -18.80 -23.58 -12.58
CA LEU B 156 -18.34 -22.20 -12.38
C LEU B 156 -16.83 -22.15 -12.18
N LEU B 157 -16.30 -23.11 -11.43
CA LEU B 157 -14.87 -23.15 -11.15
C LEU B 157 -14.08 -23.46 -12.41
N PHE B 158 -14.57 -24.38 -13.23
CA PHE B 158 -13.90 -24.68 -14.49
C PHE B 158 -13.83 -23.43 -15.37
N ALA B 159 -14.92 -22.66 -15.42
CA ALA B 159 -14.93 -21.46 -16.26
C ALA B 159 -14.02 -20.37 -15.70
N TRP B 160 -14.09 -20.15 -14.39
CA TRP B 160 -13.26 -19.12 -13.74
C TRP B 160 -11.78 -19.44 -13.88
N GLU B 161 -11.38 -20.64 -13.47
CA GLU B 161 -9.99 -21.04 -13.57
C GLU B 161 -9.52 -21.05 -15.01
N GLY B 162 -10.32 -21.65 -15.90
CA GLY B 162 -9.94 -21.70 -17.30
C GLY B 162 -9.68 -20.32 -17.88
N TRP B 163 -10.61 -19.38 -17.63
CA TRP B 163 -10.44 -18.04 -18.18
C TRP B 163 -9.21 -17.35 -17.59
N HIS B 164 -9.05 -17.42 -16.27
CA HIS B 164 -7.95 -16.68 -15.64
C HIS B 164 -6.60 -17.23 -16.08
N ASN B 165 -6.49 -18.55 -16.21
CA ASN B 165 -5.26 -19.15 -16.73
C ASN B 165 -5.04 -18.79 -18.20
N ALA B 166 -6.09 -18.86 -19.01
CA ALA B 166 -5.93 -18.67 -20.45
C ALA B 166 -5.60 -17.23 -20.82
N ALA B 167 -6.21 -16.27 -20.12
CA ALA B 167 -5.98 -14.86 -20.45
C ALA B 167 -4.77 -14.31 -19.71
N GLY B 168 -4.63 -14.63 -18.41
CA GLY B 168 -3.64 -14.00 -17.57
C GLY B 168 -2.23 -14.50 -17.79
N ILE B 169 -2.03 -15.81 -17.80
CA ILE B 169 -0.67 -16.34 -17.84
C ILE B 169 0.12 -15.78 -19.02
N PRO B 170 -0.37 -15.85 -20.27
CA PRO B 170 0.47 -15.36 -21.39
C PRO B 170 0.64 -13.85 -21.41
N LEU B 171 -0.21 -13.11 -20.70
CA LEU B 171 -0.06 -11.66 -20.70
C LEU B 171 1.06 -11.17 -19.79
N LYS B 172 1.49 -11.93 -18.77
CA LYS B 172 2.37 -11.35 -17.76
C LYS B 172 3.68 -10.82 -18.32
N PRO B 173 4.41 -11.53 -19.16
CA PRO B 173 5.67 -10.95 -19.66
C PRO B 173 5.43 -9.73 -20.53
N LEU B 174 4.33 -9.69 -21.27
CA LEU B 174 4.04 -8.51 -22.08
C LEU B 174 3.71 -7.32 -21.18
N TYR B 175 2.95 -7.56 -20.11
CA TYR B 175 2.51 -6.47 -19.25
C TYR B 175 3.71 -5.84 -18.53
N GLU B 176 4.68 -6.66 -18.11
N GLU B 176 4.67 -6.67 -18.12
CA GLU B 176 5.89 -6.11 -17.50
CA GLU B 176 5.90 -6.17 -17.51
C GLU B 176 6.62 -5.21 -18.49
C GLU B 176 6.62 -5.23 -18.48
N ASP B 177 6.77 -5.65 -19.74
CA ASP B 177 7.46 -4.83 -20.74
C ASP B 177 6.70 -3.54 -21.02
N PHE B 178 5.37 -3.63 -21.12
CA PHE B 178 4.54 -2.46 -21.36
C PHE B 178 4.73 -1.45 -20.22
N THR B 179 4.75 -1.94 -18.98
CA THR B 179 4.81 -1.04 -17.83
C THR B 179 6.11 -0.25 -17.85
N ALA B 180 7.22 -0.90 -18.15
CA ALA B 180 8.50 -0.22 -18.19
C ALA B 180 8.52 0.85 -19.28
N LEU B 181 8.03 0.50 -20.47
CA LEU B 181 8.03 1.44 -21.59
C LEU B 181 7.09 2.61 -21.32
N SER B 182 5.91 2.34 -20.78
CA SER B 182 4.97 3.41 -20.46
C SER B 182 5.59 4.38 -19.46
N ASN B 183 6.19 3.84 -18.40
CA ASN B 183 6.85 4.68 -17.42
C ASN B 183 7.97 5.48 -18.06
N GLU B 184 8.77 4.83 -18.90
CA GLU B 184 9.87 5.54 -19.53
C GLU B 184 9.33 6.73 -20.32
N ALA B 185 8.22 6.54 -21.01
CA ALA B 185 7.65 7.62 -21.82
C ALA B 185 7.18 8.78 -20.96
N TYR B 186 6.36 8.51 -19.93
CA TYR B 186 5.75 9.59 -19.16
C TYR B 186 6.73 10.23 -18.19
N LYS B 187 7.81 9.55 -17.83
CA LYS B 187 8.85 10.19 -17.02
C LYS B 187 9.46 11.37 -17.75
N GLN B 188 9.58 11.28 -19.08
CA GLN B 188 10.10 12.38 -19.87
C GLN B 188 9.10 13.52 -20.02
N ASP B 189 7.85 13.30 -19.66
CA ASP B 189 6.88 14.38 -19.54
C ASP B 189 6.88 15.00 -18.15
N GLY B 190 7.70 14.50 -17.23
CA GLY B 190 7.79 15.05 -15.89
C GLY B 190 6.99 14.32 -14.82
N PHE B 191 6.31 13.23 -15.17
CA PHE B 191 5.58 12.45 -14.17
C PHE B 191 6.48 11.38 -13.57
N THR B 192 6.28 11.10 -12.27
N THR B 192 6.27 11.11 -12.27
CA THR B 192 7.08 10.06 -11.64
CA THR B 192 7.05 10.07 -11.62
C THR B 192 6.81 8.69 -12.23
C THR B 192 6.80 8.70 -12.22
N ASP B 193 5.59 8.47 -12.72
CA ASP B 193 5.22 7.22 -13.38
C ASP B 193 3.89 7.43 -14.09
N THR B 194 3.49 6.41 -14.86
CA THR B 194 2.29 6.51 -15.67
C THR B 194 1.07 6.77 -14.81
N GLY B 195 0.97 6.11 -13.65
CA GLY B 195 -0.19 6.27 -12.79
C GLY B 195 -0.34 7.71 -12.31
N ALA B 196 0.79 8.40 -12.09
CA ALA B 196 0.72 9.81 -11.72
C ALA B 196 0.12 10.62 -12.86
N TYR B 197 0.45 10.27 -14.09
CA TYR B 197 -0.16 10.92 -15.24
C TYR B 197 -1.65 10.64 -15.28
N TRP B 198 -2.05 9.37 -15.11
CA TRP B 198 -3.48 9.05 -15.15
C TRP B 198 -4.25 9.84 -14.10
N ARG B 199 -3.68 9.96 -12.92
CA ARG B 199 -4.36 10.66 -11.82
C ARG B 199 -4.45 12.15 -12.08
N SER B 200 -3.53 12.70 -12.85
CA SER B 200 -3.50 14.13 -13.12
C SER B 200 -4.74 14.59 -13.87
N TRP B 201 -5.45 13.66 -14.53
CA TRP B 201 -6.65 14.04 -15.26
C TRP B 201 -7.73 14.61 -14.36
N TYR B 202 -7.69 14.33 -13.07
CA TYR B 202 -8.73 14.78 -12.16
C TYR B 202 -8.39 16.11 -11.52
N ASN B 203 -7.18 16.60 -11.75
CA ASN B 203 -6.75 17.92 -11.30
C ASN B 203 -7.17 18.16 -9.86
N SER B 204 -6.51 17.42 -8.98
CA SER B 204 -6.77 17.46 -7.55
C SER B 204 -5.57 16.88 -6.82
N PRO B 205 -4.86 17.68 -6.00
CA PRO B 205 -3.73 17.12 -5.25
C PRO B 205 -4.12 16.17 -4.14
N THR B 206 -5.41 16.15 -3.75
CA THR B 206 -5.91 15.27 -2.70
C THR B 206 -6.75 14.13 -3.27
N PHE B 207 -6.56 13.78 -4.54
CA PHE B 207 -7.39 12.78 -5.19
C PHE B 207 -7.45 11.49 -4.39
N GLU B 208 -6.29 10.91 -4.09
CA GLU B 208 -6.27 9.60 -3.43
C GLU B 208 -6.89 9.65 -2.04
N ASP B 209 -6.57 10.70 -1.28
CA ASP B 209 -7.21 10.89 0.03
C ASP B 209 -8.71 11.09 -0.11
N ASP B 210 -9.15 11.90 -1.07
CA ASP B 210 -10.57 12.11 -1.30
C ASP B 210 -11.28 10.81 -1.64
N LEU B 211 -10.66 9.99 -2.50
CA LEU B 211 -11.24 8.69 -2.84
C LEU B 211 -11.34 7.82 -1.62
N GLU B 212 -10.27 7.76 -0.82
CA GLU B 212 -10.28 6.92 0.36
C GLU B 212 -11.37 7.36 1.33
N HIS B 213 -11.56 8.67 1.48
N HIS B 213 -11.54 8.68 1.50
CA HIS B 213 -12.61 9.18 2.35
CA HIS B 213 -12.61 9.19 2.35
C HIS B 213 -13.99 8.83 1.82
C HIS B 213 -13.98 8.81 1.81
N LEU B 214 -14.16 8.85 0.50
CA LEU B 214 -15.42 8.42 -0.09
C LEU B 214 -15.66 6.95 0.21
N TYR B 215 -14.63 6.12 0.01
CA TYR B 215 -14.82 4.69 0.21
C TYR B 215 -15.16 4.37 1.66
N GLN B 216 -14.55 5.09 2.62
CA GLN B 216 -14.91 4.90 4.02
C GLN B 216 -16.41 5.05 4.25
N GLN B 217 -17.06 6.00 3.55
CA GLN B 217 -18.50 6.22 3.72
C GLN B 217 -19.31 5.08 3.15
N LEU B 218 -18.82 4.45 2.10
CA LEU B 218 -19.56 3.44 1.37
C LEU B 218 -19.30 2.05 1.88
N GLU B 219 -18.14 1.82 2.49
CA GLU B 219 -17.77 0.47 2.91
C GLU B 219 -18.80 -0.21 3.79
N PRO B 220 -19.46 0.46 4.75
CA PRO B 220 -20.50 -0.24 5.53
C PRO B 220 -21.62 -0.81 4.69
N LEU B 221 -22.05 -0.10 3.65
CA LEU B 221 -23.10 -0.64 2.79
C LEU B 221 -22.62 -1.91 2.12
N TYR B 222 -21.38 -1.91 1.66
CA TYR B 222 -20.84 -3.10 1.01
C TYR B 222 -20.71 -4.25 1.99
N LEU B 223 -20.23 -4.00 3.20
CA LEU B 223 -20.03 -5.09 4.15
C LEU B 223 -21.36 -5.76 4.48
N ASN B 224 -22.42 -4.97 4.59
CA ASN B 224 -23.72 -5.56 4.91
C ASN B 224 -24.29 -6.30 3.70
N LEU B 225 -24.11 -5.75 2.50
CA LEU B 225 -24.55 -6.48 1.31
C LEU B 225 -23.79 -7.79 1.19
N HIS B 226 -22.48 -7.75 1.43
CA HIS B 226 -21.62 -8.93 1.35
C HIS B 226 -22.08 -10.00 2.33
N ALA B 227 -22.34 -9.62 3.56
CA ALA B 227 -22.69 -10.61 4.57
C ALA B 227 -24.04 -11.25 4.25
N PHE B 228 -24.98 -10.46 3.76
CA PHE B 228 -26.30 -10.95 3.37
C PHE B 228 -26.21 -11.91 2.21
N VAL B 229 -25.43 -11.56 1.18
CA VAL B 229 -25.25 -12.43 0.03
C VAL B 229 -24.50 -13.70 0.42
N ARG B 230 -23.47 -13.57 1.25
CA ARG B 230 -22.71 -14.73 1.69
C ARG B 230 -23.63 -15.74 2.38
N ARG B 231 -24.54 -15.25 3.22
CA ARG B 231 -25.54 -16.12 3.84
C ARG B 231 -26.42 -16.81 2.79
N ALA B 232 -26.86 -16.08 1.77
CA ALA B 232 -27.66 -16.70 0.71
C ALA B 232 -26.88 -17.79 -0.01
N LEU B 233 -25.60 -17.54 -0.30
CA LEU B 233 -24.77 -18.54 -0.97
C LEU B 233 -24.53 -19.76 -0.08
N HIS B 234 -24.32 -19.53 1.21
CA HIS B 234 -24.17 -20.64 2.15
C HIS B 234 -25.39 -21.55 2.11
N ARG B 235 -26.59 -20.96 2.03
CA ARG B 235 -27.81 -21.76 2.00
C ARG B 235 -27.91 -22.64 0.74
N ARG B 236 -27.23 -22.28 -0.35
CA ARG B 236 -27.24 -23.08 -1.58
C ARG B 236 -26.04 -24.00 -1.71
N TYR B 237 -24.84 -23.50 -1.41
CA TYR B 237 -23.62 -24.26 -1.69
C TYR B 237 -23.11 -25.04 -0.49
N GLY B 238 -23.49 -24.68 0.73
CA GLY B 238 -23.18 -25.47 1.89
C GLY B 238 -21.95 -24.98 2.63
N ASP B 239 -21.81 -25.47 3.87
CA ASP B 239 -20.72 -25.09 4.76
C ASP B 239 -19.34 -25.42 4.20
N ARG B 240 -19.26 -26.36 3.27
CA ARG B 240 -17.97 -26.78 2.75
C ARG B 240 -17.39 -25.74 1.79
N TYR B 241 -18.23 -25.12 0.99
CA TYR B 241 -17.78 -24.17 -0.01
C TYR B 241 -18.00 -22.70 0.37
N ILE B 242 -18.82 -22.42 1.40
CA ILE B 242 -19.02 -21.07 1.90
C ILE B 242 -18.66 -21.03 3.37
N ASN B 243 -17.78 -20.09 3.72
CA ASN B 243 -17.39 -19.83 5.11
C ASN B 243 -18.08 -18.54 5.57
N LEU B 244 -18.97 -18.66 6.55
CA LEU B 244 -19.73 -17.49 6.98
C LEU B 244 -18.87 -16.46 7.69
N ARG B 245 -17.60 -16.75 7.94
CA ARG B 245 -16.70 -15.75 8.51
C ARG B 245 -15.49 -15.51 7.63
N GLY B 246 -15.50 -16.01 6.40
CA GLY B 246 -14.40 -15.85 5.49
C GLY B 246 -14.83 -15.21 4.19
N PRO B 247 -13.87 -15.04 3.28
CA PRO B 247 -14.19 -14.40 1.99
C PRO B 247 -15.03 -15.32 1.12
N ILE B 248 -15.81 -14.71 0.24
CA ILE B 248 -16.66 -15.48 -0.67
C ILE B 248 -15.80 -15.99 -1.83
N PRO B 249 -15.89 -17.28 -2.19
CA PRO B 249 -15.18 -17.73 -3.40
C PRO B 249 -15.59 -16.90 -4.61
N ALA B 250 -14.58 -16.49 -5.40
CA ALA B 250 -14.69 -15.40 -6.37
C ALA B 250 -15.50 -15.75 -7.61
N HIS B 251 -15.92 -17.00 -7.76
CA HIS B 251 -16.61 -17.44 -8.97
C HIS B 251 -18.10 -17.65 -8.76
N LEU B 252 -18.64 -17.33 -7.58
CA LEU B 252 -20.02 -17.64 -7.22
C LEU B 252 -20.95 -16.44 -7.24
N LEU B 253 -20.51 -15.31 -7.78
CA LEU B 253 -21.24 -14.07 -7.66
C LEU B 253 -21.86 -13.62 -8.96
N GLY B 254 -21.84 -14.47 -9.99
CA GLY B 254 -22.58 -14.22 -11.20
C GLY B 254 -21.79 -13.58 -12.31
N ASP B 255 -20.52 -13.26 -12.08
CA ASP B 255 -19.73 -12.44 -12.98
C ASP B 255 -18.29 -12.91 -12.85
N MET B 256 -17.57 -12.90 -13.97
CA MET B 256 -16.23 -13.46 -14.01
C MET B 256 -15.28 -12.76 -13.02
N TRP B 257 -15.55 -11.50 -12.72
CA TRP B 257 -14.70 -10.72 -11.81
C TRP B 257 -15.37 -10.43 -10.49
N ALA B 258 -16.54 -11.02 -10.23
CA ALA B 258 -17.27 -10.74 -9.00
C ALA B 258 -17.54 -9.25 -8.84
N GLN B 259 -17.66 -8.52 -9.96
CA GLN B 259 -17.72 -7.07 -9.88
C GLN B 259 -19.14 -6.52 -9.89
N SER B 260 -20.09 -7.28 -10.44
N SER B 260 -20.08 -7.32 -10.37
CA SER B 260 -21.51 -7.01 -10.34
CA SER B 260 -21.51 -7.03 -10.36
C SER B 260 -22.17 -8.30 -9.90
C SER B 260 -22.23 -8.29 -9.96
N TRP B 261 -23.14 -8.20 -8.99
CA TRP B 261 -23.77 -9.39 -8.45
C TRP B 261 -25.21 -9.55 -8.93
N GLU B 262 -25.64 -8.73 -9.90
N GLU B 262 -25.64 -8.76 -9.90
CA GLU B 262 -27.03 -8.78 -10.38
CA GLU B 262 -27.05 -8.77 -10.30
C GLU B 262 -27.47 -10.20 -10.69
C GLU B 262 -27.51 -10.14 -10.83
N ASN B 263 -26.60 -10.99 -11.30
CA ASN B 263 -26.98 -12.32 -11.80
C ASN B 263 -27.38 -13.30 -10.72
N ILE B 264 -27.05 -13.08 -9.46
CA ILE B 264 -27.50 -13.97 -8.40
C ILE B 264 -28.71 -13.37 -7.67
N TYR B 265 -29.35 -12.38 -8.28
CA TYR B 265 -30.52 -11.77 -7.68
C TYR B 265 -31.56 -12.82 -7.29
N ASP B 266 -31.77 -13.84 -8.14
CA ASP B 266 -32.81 -14.81 -7.82
C ASP B 266 -32.51 -15.56 -6.54
N MET B 267 -31.24 -15.70 -6.18
CA MET B 267 -30.88 -16.39 -4.95
C MET B 267 -31.01 -15.51 -3.72
N VAL B 268 -31.06 -14.19 -3.89
CA VAL B 268 -31.03 -13.28 -2.75
C VAL B 268 -32.30 -12.44 -2.61
N VAL B 269 -33.21 -12.46 -3.58
CA VAL B 269 -34.42 -11.64 -3.53
C VAL B 269 -35.18 -11.87 -2.23
N PRO B 270 -35.45 -10.84 -1.44
CA PRO B 270 -36.06 -11.07 -0.12
C PRO B 270 -37.55 -11.37 -0.18
N PHE B 271 -38.28 -10.83 -1.17
CA PHE B 271 -39.74 -10.98 -1.24
C PHE B 271 -40.12 -11.50 -2.61
N PRO B 272 -39.91 -12.79 -2.89
CA PRO B 272 -40.18 -13.31 -4.23
C PRO B 272 -41.64 -13.25 -4.66
N ASP B 273 -42.59 -13.06 -3.73
CA ASP B 273 -44.00 -12.96 -4.12
C ASP B 273 -44.31 -11.66 -4.85
N LYS B 274 -43.38 -10.71 -4.88
CA LYS B 274 -43.57 -9.44 -5.56
C LYS B 274 -43.16 -9.57 -7.02
N PRO B 275 -43.40 -8.54 -7.82
CA PRO B 275 -43.08 -8.64 -9.26
C PRO B 275 -41.62 -9.01 -9.47
N ASN B 276 -41.38 -9.84 -10.48
CA ASN B 276 -40.03 -10.29 -10.79
C ASN B 276 -39.31 -9.17 -11.55
N LEU B 277 -38.31 -8.58 -10.91
CA LEU B 277 -37.63 -7.41 -11.46
C LEU B 277 -36.55 -7.74 -12.46
N ASP B 278 -36.09 -8.99 -12.54
CA ASP B 278 -35.23 -9.42 -13.63
C ASP B 278 -36.11 -9.75 -14.82
N VAL B 279 -36.18 -8.83 -15.78
CA VAL B 279 -37.12 -8.94 -16.89
C VAL B 279 -36.49 -9.67 -18.07
N THR B 280 -35.33 -10.29 -17.86
CA THR B 280 -34.67 -10.99 -18.97
C THR B 280 -35.61 -12.01 -19.62
N SER B 281 -36.29 -12.82 -18.80
CA SER B 281 -37.17 -13.85 -19.37
C SER B 281 -38.31 -13.25 -20.18
N THR B 282 -38.78 -12.06 -19.81
CA THR B 282 -39.82 -11.40 -20.59
C THR B 282 -39.27 -10.87 -21.90
N MET B 283 -38.05 -10.34 -21.89
CA MET B 283 -37.42 -9.93 -23.14
C MET B 283 -37.31 -11.12 -24.09
N LEU B 284 -36.92 -12.29 -23.57
CA LEU B 284 -36.77 -13.46 -24.42
C LEU B 284 -38.12 -13.94 -24.93
N GLN B 285 -39.10 -14.06 -24.03
CA GLN B 285 -40.46 -14.40 -24.43
C GLN B 285 -40.95 -13.46 -25.53
N GLN B 286 -40.74 -12.16 -25.35
CA GLN B 286 -41.22 -11.18 -26.32
C GLN B 286 -40.38 -11.12 -27.59
N GLY B 287 -39.24 -11.81 -27.64
CA GLY B 287 -38.47 -11.81 -28.87
C GLY B 287 -37.62 -10.59 -29.10
N TRP B 288 -37.20 -9.90 -28.04
CA TRP B 288 -36.30 -8.78 -28.22
C TRP B 288 -35.03 -9.23 -28.91
N GLN B 289 -34.53 -8.39 -29.81
CA GLN B 289 -33.21 -8.56 -30.41
C GLN B 289 -32.36 -7.34 -30.07
N ALA B 290 -31.07 -7.44 -30.44
CA ALA B 290 -30.14 -6.33 -30.21
C ALA B 290 -30.71 -5.02 -30.77
N THR B 291 -31.19 -5.03 -32.02
CA THR B 291 -31.65 -3.77 -32.61
C THR B 291 -32.79 -3.15 -31.80
N HIS B 292 -33.71 -3.96 -31.28
CA HIS B 292 -34.77 -3.40 -30.45
C HIS B 292 -34.18 -2.70 -29.25
N MET B 293 -33.19 -3.34 -28.60
CA MET B 293 -32.58 -2.77 -27.41
C MET B 293 -31.99 -1.40 -27.71
N PHE B 294 -31.28 -1.27 -28.84
CA PHE B 294 -30.70 0.02 -29.17
C PHE B 294 -31.75 1.05 -29.55
N ARG B 295 -32.84 0.63 -30.20
CA ARG B 295 -33.91 1.56 -30.53
C ARG B 295 -34.64 2.03 -29.28
N VAL B 296 -34.82 1.14 -28.31
CA VAL B 296 -35.50 1.56 -27.10
C VAL B 296 -34.62 2.53 -26.31
N ALA B 297 -33.32 2.29 -26.29
CA ALA B 297 -32.43 3.22 -25.61
C ALA B 297 -32.44 4.57 -26.32
N GLU B 298 -32.39 4.55 -27.65
CA GLU B 298 -32.43 5.80 -28.41
C GLU B 298 -33.69 6.59 -28.09
N GLU B 299 -34.82 5.90 -27.97
CA GLU B 299 -36.06 6.62 -27.77
C GLU B 299 -36.10 7.30 -26.40
N PHE B 300 -35.42 6.72 -25.40
CA PHE B 300 -35.27 7.41 -24.13
C PHE B 300 -34.55 8.74 -24.33
N PHE B 301 -33.44 8.73 -25.08
CA PHE B 301 -32.69 9.95 -25.35
C PHE B 301 -33.56 10.99 -26.06
N THR B 302 -34.28 10.58 -27.11
CA THR B 302 -35.11 11.56 -27.81
C THR B 302 -36.31 12.00 -26.96
N SER B 303 -36.77 11.17 -26.03
CA SER B 303 -37.83 11.60 -25.12
C SER B 303 -37.39 12.81 -24.30
N LEU B 304 -36.10 12.91 -24.04
CA LEU B 304 -35.50 14.05 -23.35
C LEU B 304 -35.15 15.19 -24.30
N GLU B 305 -35.47 15.06 -25.58
CA GLU B 305 -35.05 16.01 -26.60
C GLU B 305 -33.53 16.05 -26.76
N LEU B 306 -32.88 14.95 -26.44
CA LEU B 306 -31.50 14.75 -26.86
C LEU B 306 -31.50 14.17 -28.28
N SER B 307 -30.32 13.94 -28.83
CA SER B 307 -30.28 13.69 -30.26
C SER B 307 -30.50 12.21 -30.57
N PRO B 308 -31.18 11.90 -31.66
CA PRO B 308 -31.24 10.52 -32.12
C PRO B 308 -29.87 10.07 -32.59
N MET B 309 -29.72 8.76 -32.73
CA MET B 309 -28.51 8.27 -33.36
C MET B 309 -28.56 8.60 -34.86
N PRO B 310 -27.45 9.06 -35.44
CA PRO B 310 -27.46 9.40 -36.87
C PRO B 310 -27.43 8.16 -37.74
N PRO B 311 -27.79 8.28 -39.02
CA PRO B 311 -27.72 7.10 -39.91
C PRO B 311 -26.36 6.45 -39.93
N GLU B 312 -25.29 7.25 -39.92
CA GLU B 312 -23.94 6.70 -39.87
C GLU B 312 -23.76 5.73 -38.71
N PHE B 313 -24.48 5.95 -37.60
CA PHE B 313 -24.37 5.06 -36.45
C PHE B 313 -24.99 3.71 -36.74
N TRP B 314 -26.22 3.69 -37.28
CA TRP B 314 -26.88 2.43 -37.59
C TRP B 314 -26.18 1.71 -38.74
N GLU B 315 -25.64 2.46 -39.69
CA GLU B 315 -25.03 1.81 -40.84
C GLU B 315 -23.67 1.21 -40.48
N GLY B 316 -22.95 1.82 -39.54
CA GLY B 316 -21.59 1.43 -39.24
C GLY B 316 -21.39 0.61 -37.98
N SER B 317 -22.33 0.64 -37.04
CA SER B 317 -22.13 -0.02 -35.76
C SER B 317 -22.15 -1.53 -35.92
N MET B 318 -21.49 -2.21 -34.99
CA MET B 318 -21.54 -3.66 -34.86
C MET B 318 -22.31 -3.99 -33.60
N LEU B 319 -23.57 -4.45 -33.74
CA LEU B 319 -24.45 -4.59 -32.58
C LEU B 319 -24.66 -6.02 -32.15
N GLU B 320 -24.18 -7.00 -32.90
CA GLU B 320 -24.19 -8.37 -32.48
C GLU B 320 -22.82 -8.96 -32.80
N LYS B 321 -22.50 -10.06 -32.14
CA LYS B 321 -21.27 -10.77 -32.45
C LYS B 321 -21.40 -11.37 -33.84
N PRO B 322 -20.45 -11.11 -34.74
CA PRO B 322 -20.54 -11.71 -36.08
C PRO B 322 -20.60 -13.23 -36.01
N ALA B 323 -21.43 -13.82 -36.87
CA ALA B 323 -21.55 -15.27 -36.96
C ALA B 323 -20.86 -15.83 -38.20
N ASP B 324 -19.89 -15.10 -38.74
CA ASP B 324 -19.24 -15.43 -40.01
C ASP B 324 -17.79 -15.86 -39.80
N GLY B 325 -17.53 -16.63 -38.74
CA GLY B 325 -16.17 -17.00 -38.41
C GLY B 325 -15.24 -15.80 -38.42
N ARG B 326 -15.45 -14.89 -37.48
CA ARG B 326 -14.70 -13.64 -37.41
C ARG B 326 -14.36 -13.36 -35.97
N GLU B 327 -13.09 -13.07 -35.70
CA GLU B 327 -12.65 -12.71 -34.35
C GLU B 327 -12.80 -11.21 -34.16
N VAL B 328 -13.47 -10.82 -33.07
CA VAL B 328 -13.68 -9.42 -32.73
C VAL B 328 -13.37 -9.24 -31.26
N VAL B 329 -13.09 -7.99 -30.89
CA VAL B 329 -13.12 -7.58 -29.49
C VAL B 329 -14.59 -7.51 -29.09
N CYS B 330 -15.05 -8.45 -28.28
CA CYS B 330 -16.46 -8.45 -27.90
C CYS B 330 -16.78 -7.48 -26.76
N HIS B 331 -15.77 -7.00 -26.03
CA HIS B 331 -16.02 -6.04 -24.97
C HIS B 331 -16.66 -4.79 -25.55
N ALA B 332 -17.78 -4.37 -24.97
CA ALA B 332 -18.52 -3.25 -25.53
C ALA B 332 -17.68 -1.99 -25.57
N SER B 333 -17.92 -1.16 -26.58
CA SER B 333 -17.25 0.13 -26.67
C SER B 333 -18.00 1.06 -27.59
N ALA B 334 -17.89 2.34 -27.27
CA ALA B 334 -18.44 3.45 -28.03
C ALA B 334 -17.33 4.26 -28.69
N TRP B 335 -17.55 4.66 -29.95
CA TRP B 335 -16.49 5.15 -30.81
C TRP B 335 -16.81 6.52 -31.38
N ASP B 336 -15.88 7.45 -31.18
CA ASP B 336 -15.88 8.75 -31.83
C ASP B 336 -14.77 8.70 -32.87
N PHE B 337 -15.12 8.88 -34.13
CA PHE B 337 -14.11 8.91 -35.19
C PHE B 337 -13.52 10.30 -35.42
N TYR B 338 -14.01 11.31 -34.69
CA TYR B 338 -13.42 12.64 -34.69
C TYR B 338 -13.54 13.32 -36.06
N ASN B 339 -14.53 12.93 -36.87
CA ASN B 339 -14.85 13.66 -38.09
C ASN B 339 -16.21 14.35 -38.01
N ARG B 340 -16.85 14.33 -36.84
CA ARG B 340 -18.14 14.95 -36.60
C ARG B 340 -19.26 14.27 -37.38
N LYS B 341 -19.02 13.07 -37.91
CA LYS B 341 -20.03 12.35 -38.70
C LYS B 341 -20.16 10.92 -38.21
N ASP B 342 -19.04 10.24 -38.01
CA ASP B 342 -19.03 8.82 -37.73
C ASP B 342 -18.92 8.56 -36.23
N PHE B 343 -19.96 7.95 -35.67
CA PHE B 343 -20.00 7.53 -34.28
C PHE B 343 -20.60 6.14 -34.25
N ARG B 344 -19.99 5.23 -33.52
CA ARG B 344 -20.41 3.84 -33.57
C ARG B 344 -20.28 3.20 -32.21
N ILE B 345 -21.07 2.16 -32.03
CA ILE B 345 -20.92 1.20 -30.94
C ILE B 345 -20.52 -0.14 -31.53
N LYS B 346 -19.64 -0.82 -30.80
CA LYS B 346 -19.27 -2.20 -31.07
C LYS B 346 -19.61 -2.99 -29.82
N GLN B 347 -20.64 -3.84 -29.90
CA GLN B 347 -21.09 -4.60 -28.75
C GLN B 347 -21.60 -5.96 -29.20
N CYS B 348 -21.13 -7.02 -28.54
CA CYS B 348 -21.61 -8.36 -28.79
C CYS B 348 -22.88 -8.55 -27.94
N THR B 349 -23.91 -7.82 -28.33
CA THR B 349 -25.10 -7.65 -27.49
C THR B 349 -25.80 -8.98 -27.28
N ARG B 350 -26.15 -9.26 -26.03
CA ARG B 350 -26.95 -10.40 -25.67
C ARG B 350 -28.28 -9.91 -25.08
N VAL B 351 -29.35 -10.66 -25.30
CA VAL B 351 -30.67 -10.19 -24.91
C VAL B 351 -30.87 -10.48 -23.43
N THR B 352 -30.47 -9.53 -22.60
CA THR B 352 -30.64 -9.65 -21.15
C THR B 352 -30.88 -8.25 -20.60
N MET B 353 -31.43 -8.19 -19.40
CA MET B 353 -31.70 -6.91 -18.76
C MET B 353 -30.41 -6.13 -18.50
N ASP B 354 -29.36 -6.82 -18.04
CA ASP B 354 -28.12 -6.07 -17.79
C ASP B 354 -27.52 -5.58 -19.09
N GLN B 355 -27.69 -6.31 -20.18
CA GLN B 355 -27.21 -5.83 -21.47
C GLN B 355 -27.97 -4.60 -21.91
N LEU B 356 -29.27 -4.57 -21.63
CA LEU B 356 -30.03 -3.38 -21.93
C LEU B 356 -29.45 -2.17 -21.18
N SER B 357 -29.03 -2.38 -19.93
CA SER B 357 -28.32 -1.33 -19.21
C SER B 357 -27.00 -0.97 -19.90
N THR B 358 -26.24 -1.98 -20.32
CA THR B 358 -25.00 -1.73 -21.05
C THR B 358 -25.25 -0.95 -22.33
N VAL B 359 -26.35 -1.28 -23.04
CA VAL B 359 -26.69 -0.53 -24.25
C VAL B 359 -26.88 0.94 -23.94
N HIS B 360 -27.56 1.25 -22.83
CA HIS B 360 -27.75 2.66 -22.45
C HIS B 360 -26.43 3.31 -22.08
N HIS B 361 -25.59 2.61 -21.33
CA HIS B 361 -24.27 3.11 -20.99
C HIS B 361 -23.48 3.53 -22.25
N GLU B 362 -23.38 2.63 -23.22
CA GLU B 362 -22.64 2.94 -24.45
C GLU B 362 -23.33 4.04 -25.24
N MET B 363 -24.67 4.02 -25.34
CA MET B 363 -25.34 5.12 -26.02
C MET B 363 -25.16 6.44 -25.29
N GLY B 364 -24.94 6.43 -23.97
CA GLY B 364 -24.61 7.67 -23.28
C GLY B 364 -23.27 8.23 -23.76
N HIS B 365 -22.31 7.35 -24.00
CA HIS B 365 -21.03 7.76 -24.58
C HIS B 365 -21.27 8.43 -25.94
N ILE B 366 -22.07 7.80 -26.81
CA ILE B 366 -22.38 8.38 -28.13
C ILE B 366 -23.06 9.73 -27.99
N GLN B 367 -24.02 9.84 -27.07
CA GLN B 367 -24.74 11.09 -26.94
C GLN B 367 -23.79 12.22 -26.56
N TYR B 368 -22.83 11.92 -25.68
CA TYR B 368 -21.77 12.87 -25.35
C TYR B 368 -21.07 13.34 -26.63
N TYR B 369 -20.62 12.37 -27.44
CA TYR B 369 -19.89 12.68 -28.67
C TYR B 369 -20.70 13.57 -29.59
N LEU B 370 -22.00 13.31 -29.70
CA LEU B 370 -22.87 14.09 -30.58
C LEU B 370 -23.04 15.52 -30.11
N GLN B 371 -23.03 15.74 -28.79
CA GLN B 371 -23.30 17.07 -28.26
C GLN B 371 -22.06 17.97 -28.26
N TYR B 372 -20.87 17.40 -28.18
CA TYR B 372 -19.67 18.23 -28.20
C TYR B 372 -18.84 18.03 -29.47
N LYS B 373 -19.44 17.53 -30.56
CA LYS B 373 -18.68 17.24 -31.76
C LYS B 373 -18.12 18.51 -32.41
N ASP B 374 -18.69 19.68 -32.09
CA ASP B 374 -18.26 20.93 -32.70
C ASP B 374 -17.21 21.68 -31.89
N LEU B 375 -16.89 21.22 -30.69
CA LEU B 375 -15.80 21.83 -29.94
C LEU B 375 -14.47 21.46 -30.58
N PRO B 376 -13.42 22.23 -30.28
CA PRO B 376 -12.07 21.81 -30.66
C PRO B 376 -11.77 20.39 -30.22
N VAL B 377 -11.01 19.68 -31.05
CA VAL B 377 -10.85 18.24 -30.88
C VAL B 377 -10.29 17.89 -29.50
N SER B 378 -9.49 18.76 -28.91
CA SER B 378 -8.89 18.44 -27.61
C SER B 378 -9.92 18.47 -26.49
N LEU B 379 -10.99 19.25 -26.65
CA LEU B 379 -12.03 19.37 -25.64
C LEU B 379 -13.19 18.40 -25.85
N ARG B 380 -13.05 17.46 -26.78
CA ARG B 380 -14.03 16.40 -26.99
C ARG B 380 -13.71 15.26 -26.03
N ARG B 381 -13.97 15.53 -24.76
CA ARG B 381 -13.86 14.55 -23.70
C ARG B 381 -14.90 14.90 -22.65
N GLY B 382 -15.09 14.00 -21.70
CA GLY B 382 -15.93 14.34 -20.57
C GLY B 382 -15.23 15.32 -19.66
N ALA B 383 -16.01 16.09 -18.91
CA ALA B 383 -15.41 16.98 -17.92
C ALA B 383 -14.32 16.26 -17.11
N ASN B 384 -14.57 15.02 -16.67
CA ASN B 384 -13.49 14.10 -16.36
C ASN B 384 -13.92 12.73 -16.80
N PRO B 385 -13.03 11.73 -16.78
CA PRO B 385 -13.43 10.43 -17.37
C PRO B 385 -14.67 9.83 -16.69
N GLY B 386 -14.91 10.19 -15.44
CA GLY B 386 -16.07 9.64 -14.73
C GLY B 386 -17.40 10.19 -15.21
N PHE B 387 -17.42 11.47 -15.62
CA PHE B 387 -18.59 12.01 -16.32
C PHE B 387 -18.96 11.16 -17.53
N HIS B 388 -17.97 10.89 -18.39
CA HIS B 388 -18.22 10.14 -19.60
C HIS B 388 -18.82 8.80 -19.27
N GLU B 389 -18.45 8.23 -18.12
CA GLU B 389 -18.99 6.95 -17.71
C GLU B 389 -20.35 7.08 -17.05
N ALA B 390 -20.73 8.27 -16.64
CA ALA B 390 -21.95 8.42 -15.84
C ALA B 390 -23.22 8.66 -16.65
N ILE B 391 -23.10 9.12 -17.90
CA ILE B 391 -24.27 9.65 -18.60
C ILE B 391 -25.30 8.54 -18.82
N GLY B 392 -24.88 7.44 -19.46
CA GLY B 392 -25.84 6.40 -19.79
C GLY B 392 -26.33 5.63 -18.59
N ASP B 393 -25.46 5.45 -17.59
CA ASP B 393 -25.86 4.83 -16.33
C ASP B 393 -26.97 5.62 -15.66
N VAL B 394 -26.89 6.95 -15.71
CA VAL B 394 -27.94 7.79 -15.13
C VAL B 394 -29.29 7.48 -15.79
N LEU B 395 -29.33 7.51 -17.11
CA LEU B 395 -30.57 7.17 -17.81
C LEU B 395 -31.06 5.78 -17.42
N ALA B 396 -30.13 4.81 -17.35
CA ALA B 396 -30.49 3.43 -17.01
C ALA B 396 -31.03 3.32 -15.60
N LEU B 397 -30.69 4.28 -14.72
CA LEU B 397 -31.33 4.32 -13.40
C LEU B 397 -32.83 4.56 -13.51
N SER B 398 -33.25 5.41 -14.47
CA SER B 398 -34.67 5.58 -14.70
C SER B 398 -35.27 4.34 -15.38
N VAL B 399 -34.55 3.78 -16.35
CA VAL B 399 -35.08 2.70 -17.17
C VAL B 399 -35.36 1.48 -16.32
N SER B 400 -34.50 1.20 -15.34
CA SER B 400 -34.62 0.00 -14.54
C SER B 400 -35.74 0.08 -13.51
N THR B 401 -36.31 1.26 -13.26
CA THR B 401 -37.36 1.35 -12.27
C THR B 401 -38.55 0.50 -12.71
N PRO B 402 -39.20 -0.20 -11.77
CA PRO B 402 -40.42 -0.94 -12.14
C PRO B 402 -41.44 -0.09 -12.89
N GLU B 403 -41.59 1.19 -12.53
CA GLU B 403 -42.53 2.05 -13.22
C GLU B 403 -42.18 2.16 -14.70
N HIS B 404 -40.90 2.38 -15.02
CA HIS B 404 -40.54 2.55 -16.42
C HIS B 404 -40.61 1.23 -17.17
N LEU B 405 -40.19 0.14 -16.53
CA LEU B 405 -40.29 -1.16 -17.17
C LEU B 405 -41.73 -1.44 -17.57
N HIS B 406 -42.69 -1.00 -16.75
CA HIS B 406 -44.10 -1.17 -17.10
C HIS B 406 -44.44 -0.41 -18.38
N LYS B 407 -43.91 0.81 -18.52
CA LYS B 407 -44.22 1.62 -19.69
C LYS B 407 -43.73 0.97 -20.98
N ILE B 408 -42.59 0.32 -20.95
CA ILE B 408 -42.05 -0.27 -22.17
C ILE B 408 -42.44 -1.74 -22.26
N GLY B 409 -43.41 -2.16 -21.45
CA GLY B 409 -44.01 -3.46 -21.63
C GLY B 409 -43.22 -4.63 -21.10
N LEU B 410 -42.28 -4.39 -20.18
CA LEU B 410 -41.44 -5.46 -19.65
C LEU B 410 -41.85 -5.88 -18.25
N LEU B 411 -42.86 -5.23 -17.68
CA LEU B 411 -43.28 -5.59 -16.34
C LEU B 411 -44.77 -5.26 -16.26
N ASP B 412 -45.61 -6.29 -16.35
CA ASP B 412 -47.05 -6.05 -16.36
C ASP B 412 -47.54 -5.62 -14.98
N ARG B 413 -47.14 -6.33 -13.94
CA ARG B 413 -47.65 -6.04 -12.61
C ARG B 413 -46.98 -4.80 -12.03
N VAL B 414 -47.80 -3.90 -11.49
CA VAL B 414 -47.36 -2.68 -10.83
C VAL B 414 -47.60 -2.83 -9.34
N THR B 415 -46.64 -2.38 -8.54
CA THR B 415 -46.78 -2.37 -7.10
C THR B 415 -45.99 -1.20 -6.53
N ASN B 416 -46.49 -0.65 -5.43
CA ASN B 416 -45.76 0.39 -4.70
C ASN B 416 -45.91 0.10 -3.21
N ASP B 417 -45.04 -0.76 -2.69
CA ASP B 417 -45.06 -1.13 -1.28
C ASP B 417 -43.62 -1.30 -0.82
N THR B 418 -43.46 -1.39 0.51
CA THR B 418 -42.11 -1.44 1.07
C THR B 418 -41.38 -2.70 0.65
N GLU B 419 -42.09 -3.82 0.50
CA GLU B 419 -41.42 -5.05 0.07
C GLU B 419 -40.86 -4.92 -1.34
N SER B 420 -41.66 -4.37 -2.26
CA SER B 420 -41.21 -4.19 -3.64
C SER B 420 -40.06 -3.22 -3.71
N ASP B 421 -40.04 -2.21 -2.85
CA ASP B 421 -38.92 -1.26 -2.80
C ASP B 421 -37.66 -1.93 -2.33
N ILE B 422 -37.74 -2.77 -1.29
CA ILE B 422 -36.56 -3.48 -0.83
C ILE B 422 -36.05 -4.40 -1.92
N ASN B 423 -36.94 -5.09 -2.62
CA ASN B 423 -36.53 -5.93 -3.76
C ASN B 423 -35.75 -5.12 -4.78
N TYR B 424 -36.28 -3.96 -5.16
CA TYR B 424 -35.63 -3.17 -6.21
C TYR B 424 -34.32 -2.59 -5.72
N LEU B 425 -34.31 -2.04 -4.51
CA LEU B 425 -33.08 -1.47 -3.97
C LEU B 425 -32.04 -2.55 -3.77
N LEU B 426 -32.46 -3.75 -3.38
CA LEU B 426 -31.48 -4.82 -3.26
C LEU B 426 -30.89 -5.16 -4.62
N LYS B 427 -31.73 -5.29 -5.63
CA LYS B 427 -31.22 -5.57 -6.96
C LYS B 427 -30.24 -4.48 -7.42
N MET B 428 -30.58 -3.21 -7.21
CA MET B 428 -29.68 -2.13 -7.57
C MET B 428 -28.40 -2.18 -6.73
N ALA B 429 -28.49 -2.58 -5.46
CA ALA B 429 -27.29 -2.72 -4.66
C ALA B 429 -26.37 -3.79 -5.24
N LEU B 430 -26.95 -4.89 -5.73
CA LEU B 430 -26.11 -5.94 -6.31
C LEU B 430 -25.32 -5.42 -7.50
N GLU B 431 -25.87 -4.44 -8.22
CA GLU B 431 -25.25 -3.89 -9.40
C GLU B 431 -24.30 -2.75 -9.07
N LYS B 432 -24.68 -1.87 -8.16
CA LYS B 432 -23.93 -0.64 -7.91
C LYS B 432 -23.06 -0.71 -6.64
N ILE B 433 -23.61 -1.20 -5.53
CA ILE B 433 -22.82 -1.25 -4.30
C ILE B 433 -21.75 -2.32 -4.40
N ALA B 434 -22.10 -3.50 -4.91
CA ALA B 434 -21.12 -4.58 -5.05
C ALA B 434 -19.93 -4.17 -5.93
N PHE B 435 -20.15 -3.27 -6.87
CA PHE B 435 -19.08 -2.84 -7.76
C PHE B 435 -18.06 -1.94 -7.06
N LEU B 436 -18.49 -1.13 -6.09
CA LEU B 436 -17.63 -0.08 -5.56
C LEU B 436 -16.25 -0.55 -5.13
N PRO B 437 -16.10 -1.64 -4.36
CA PRO B 437 -14.75 -2.08 -3.99
C PRO B 437 -13.90 -2.41 -5.19
N PHE B 438 -14.49 -3.05 -6.19
CA PHE B 438 -13.74 -3.42 -7.38
C PHE B 438 -13.35 -2.18 -8.17
N GLY B 439 -14.30 -1.29 -8.40
CA GLY B 439 -14.00 -0.03 -9.05
C GLY B 439 -12.90 0.75 -8.36
N TYR B 440 -12.79 0.60 -7.05
CA TYR B 440 -11.75 1.30 -6.29
C TYR B 440 -10.40 0.59 -6.42
N LEU B 441 -10.39 -0.75 -6.35
CA LEU B 441 -9.13 -1.46 -6.15
C LEU B 441 -8.32 -1.64 -7.42
N VAL B 442 -8.95 -1.68 -8.60
CA VAL B 442 -8.23 -2.01 -9.82
C VAL B 442 -7.06 -1.04 -10.05
N ASP B 443 -7.33 0.26 -9.97
CA ASP B 443 -6.24 1.19 -10.21
C ASP B 443 -5.34 1.38 -8.99
N GLN B 444 -5.78 1.02 -7.79
CA GLN B 444 -4.80 0.90 -6.71
C GLN B 444 -3.74 -0.13 -7.07
N TRP B 445 -4.17 -1.27 -7.62
CA TRP B 445 -3.22 -2.25 -8.09
C TRP B 445 -2.32 -1.67 -9.17
N ARG B 446 -2.90 -1.07 -10.20
CA ARG B 446 -2.09 -0.56 -11.29
C ARG B 446 -1.22 0.61 -10.88
N TRP B 447 -1.70 1.46 -9.97
CA TRP B 447 -0.83 2.53 -9.49
C TRP B 447 0.41 1.98 -8.80
N GLY B 448 0.27 0.89 -8.03
CA GLY B 448 1.41 0.28 -7.39
C GLY B 448 2.33 -0.41 -8.37
N VAL B 449 1.77 -0.97 -9.45
CA VAL B 449 2.64 -1.53 -10.47
C VAL B 449 3.41 -0.44 -11.19
N PHE B 450 2.73 0.66 -11.54
CA PHE B 450 3.43 1.74 -12.22
C PHE B 450 4.48 2.38 -11.32
N SER B 451 4.19 2.50 -10.03
CA SER B 451 5.14 3.14 -9.14
C SER B 451 6.31 2.24 -8.76
N GLY B 452 6.23 0.95 -9.07
CA GLY B 452 7.26 0.00 -8.66
C GLY B 452 7.04 -0.61 -7.28
N ARG B 453 6.08 -0.12 -6.50
CA ARG B 453 5.74 -0.79 -5.25
C ARG B 453 5.37 -2.24 -5.47
N THR B 454 4.72 -2.56 -6.60
CA THR B 454 4.35 -3.91 -6.96
C THR B 454 5.17 -4.36 -8.16
N PRO B 455 6.31 -5.00 -7.94
CA PRO B 455 7.10 -5.53 -9.04
C PRO B 455 6.47 -6.79 -9.61
N PRO B 456 6.96 -7.27 -10.74
CA PRO B 456 6.40 -8.50 -11.33
C PRO B 456 6.30 -9.66 -10.34
N SER B 457 7.30 -9.80 -9.47
CA SER B 457 7.32 -10.86 -8.47
C SER B 457 6.13 -10.81 -7.50
N ARG B 458 5.38 -9.69 -7.45
CA ARG B 458 4.24 -9.56 -6.57
C ARG B 458 2.94 -9.18 -7.29
N TYR B 459 2.87 -9.32 -8.62
CA TYR B 459 1.65 -8.94 -9.35
C TYR B 459 0.41 -9.61 -8.76
N ASN B 460 0.46 -10.93 -8.56
CA ASN B 460 -0.73 -11.67 -8.16
C ASN B 460 -0.92 -11.64 -6.66
N PHE B 461 0.18 -11.66 -5.90
CA PHE B 461 0.14 -11.47 -4.46
C PHE B 461 -0.58 -10.18 -4.10
N ASP B 462 -0.21 -9.08 -4.76
CA ASP B 462 -0.82 -7.79 -4.45
C ASP B 462 -2.23 -7.67 -4.99
N TRP B 463 -2.51 -8.27 -6.15
CA TRP B 463 -3.87 -8.29 -6.69
C TRP B 463 -4.83 -8.96 -5.72
N TRP B 464 -4.48 -10.15 -5.24
CA TRP B 464 -5.37 -10.87 -4.35
C TRP B 464 -5.38 -10.26 -2.95
N TYR B 465 -4.29 -9.61 -2.52
CA TYR B 465 -4.36 -8.82 -1.30
C TYR B 465 -5.48 -7.80 -1.39
N LEU B 466 -5.50 -7.03 -2.48
CA LEU B 466 -6.52 -6.00 -2.71
C LEU B 466 -7.90 -6.60 -2.91
N ARG B 467 -8.01 -7.69 -3.65
CA ARG B 467 -9.32 -8.32 -3.88
C ARG B 467 -9.92 -8.79 -2.57
N THR B 468 -9.09 -9.38 -1.71
CA THR B 468 -9.59 -9.81 -0.41
C THR B 468 -9.86 -8.60 0.47
N LYS B 469 -8.93 -7.65 0.53
CA LYS B 469 -9.10 -6.47 1.36
C LYS B 469 -10.42 -5.76 1.09
N TYR B 470 -10.72 -5.49 -0.18
CA TYR B 470 -11.85 -4.65 -0.51
C TYR B 470 -13.11 -5.46 -0.80
N GLN B 471 -12.99 -6.48 -1.65
CA GLN B 471 -14.17 -7.23 -2.05
C GLN B 471 -14.49 -8.37 -1.10
N GLY B 472 -13.54 -8.80 -0.27
CA GLY B 472 -13.80 -9.94 0.59
C GLY B 472 -14.13 -11.19 -0.19
N ILE B 473 -13.36 -11.45 -1.23
CA ILE B 473 -13.43 -12.68 -2.01
C ILE B 473 -12.06 -13.34 -1.99
N CYS B 474 -12.04 -14.61 -2.37
CA CYS B 474 -10.82 -15.39 -2.42
C CYS B 474 -10.86 -16.22 -3.69
N PRO B 475 -9.70 -16.53 -4.27
CA PRO B 475 -9.68 -17.39 -5.45
C PRO B 475 -10.14 -18.79 -5.09
N PRO B 476 -10.92 -19.45 -5.96
CA PRO B 476 -11.42 -20.79 -5.62
C PRO B 476 -10.41 -21.91 -5.82
N VAL B 477 -9.31 -21.66 -6.55
CA VAL B 477 -8.17 -22.57 -6.62
C VAL B 477 -6.93 -21.79 -6.22
N THR B 478 -5.88 -22.54 -5.91
CA THR B 478 -4.64 -21.90 -5.50
C THR B 478 -4.03 -21.12 -6.66
N ARG B 479 -3.45 -19.98 -6.34
CA ARG B 479 -2.78 -19.14 -7.32
C ARG B 479 -1.35 -18.93 -6.85
N ASN B 480 -0.46 -18.67 -7.81
CA ASN B 480 0.90 -18.28 -7.50
C ASN B 480 1.31 -17.24 -8.54
N GLU B 481 2.58 -16.86 -8.53
CA GLU B 481 3.01 -15.75 -9.39
C GLU B 481 3.22 -16.16 -10.84
N THR B 482 2.98 -17.41 -11.20
CA THR B 482 2.80 -17.72 -12.61
C THR B 482 1.50 -17.17 -13.12
N HIS B 483 0.48 -17.13 -12.26
CA HIS B 483 -0.79 -16.55 -12.64
C HIS B 483 -0.70 -15.04 -12.62
N PHE B 484 -1.49 -14.43 -13.49
CA PHE B 484 -1.55 -12.99 -13.65
C PHE B 484 -3.03 -12.65 -13.78
N ASP B 485 -3.73 -12.73 -12.64
CA ASP B 485 -5.19 -12.67 -12.63
C ASP B 485 -5.71 -11.26 -12.94
N ALA B 486 -4.93 -10.23 -12.65
CA ALA B 486 -5.29 -8.89 -13.10
C ALA B 486 -5.36 -8.82 -14.62
N GLY B 487 -4.54 -9.61 -15.31
CA GLY B 487 -4.55 -9.55 -16.76
C GLY B 487 -5.77 -10.18 -17.39
N ALA B 488 -6.52 -10.96 -16.63
CA ALA B 488 -7.77 -11.56 -17.09
C ALA B 488 -8.96 -10.61 -17.01
N LYS B 489 -8.72 -9.36 -16.64
CA LYS B 489 -9.69 -8.27 -16.71
C LYS B 489 -9.34 -7.35 -17.86
N PHE B 490 -10.32 -7.13 -18.75
CA PHE B 490 -10.13 -6.42 -20.02
C PHE B 490 -9.28 -5.17 -19.93
N HIS B 491 -9.61 -4.30 -18.96
CA HIS B 491 -8.98 -2.99 -18.90
C HIS B 491 -7.47 -3.05 -18.66
N VAL B 492 -6.96 -4.14 -18.10
CA VAL B 492 -5.52 -4.21 -17.79
C VAL B 492 -4.73 -4.41 -19.08
N PRO B 493 -4.93 -5.49 -19.84
CA PRO B 493 -4.22 -5.60 -21.14
C PRO B 493 -4.62 -4.54 -22.15
N ASN B 494 -5.82 -3.98 -22.07
CA ASN B 494 -6.23 -2.94 -22.99
C ASN B 494 -5.90 -1.54 -22.51
N VAL B 495 -5.19 -1.44 -21.39
CA VAL B 495 -4.63 -0.21 -20.84
C VAL B 495 -5.71 0.86 -20.82
N THR B 496 -6.83 0.53 -20.20
CA THR B 496 -7.94 1.44 -19.99
C THR B 496 -7.99 1.76 -18.51
N PRO B 497 -7.86 3.00 -18.09
CA PRO B 497 -7.93 3.30 -16.65
C PRO B 497 -9.32 2.98 -16.10
N TYR B 498 -9.34 2.75 -14.78
CA TYR B 498 -10.53 2.22 -14.13
C TYR B 498 -11.12 3.11 -13.04
N ILE B 499 -10.36 4.03 -12.43
CA ILE B 499 -10.91 4.78 -11.30
C ILE B 499 -12.11 5.63 -11.74
N ARG B 500 -12.17 5.98 -13.03
CA ARG B 500 -13.33 6.65 -13.63
C ARG B 500 -14.65 5.97 -13.27
N TYR B 501 -14.64 4.66 -13.10
CA TYR B 501 -15.88 3.96 -12.83
C TYR B 501 -16.29 4.04 -11.37
N PHE B 502 -15.32 4.01 -10.45
CA PHE B 502 -15.62 4.33 -9.06
C PHE B 502 -16.21 5.72 -8.94
N VAL B 503 -15.59 6.69 -9.61
CA VAL B 503 -16.08 8.07 -9.59
C VAL B 503 -17.48 8.13 -10.18
N SER B 504 -17.69 7.43 -11.29
CA SER B 504 -18.97 7.47 -12.00
C SER B 504 -20.10 6.89 -11.16
N PHE B 505 -19.83 5.79 -10.47
CA PHE B 505 -20.88 5.14 -9.67
C PHE B 505 -21.34 6.02 -8.53
N VAL B 506 -20.48 6.90 -8.04
CA VAL B 506 -20.91 7.88 -7.06
C VAL B 506 -21.60 9.06 -7.75
N LEU B 507 -20.95 9.56 -8.79
CA LEU B 507 -21.43 10.74 -9.50
C LEU B 507 -22.84 10.52 -10.05
N GLN B 508 -23.13 9.33 -10.54
CA GLN B 508 -24.38 9.16 -11.25
C GLN B 508 -25.58 9.35 -10.32
N PHE B 509 -25.39 9.15 -9.01
CA PHE B 509 -26.50 9.38 -8.09
C PHE B 509 -26.68 10.86 -7.81
N GLN B 510 -25.58 11.63 -7.78
CA GLN B 510 -25.69 13.09 -7.72
C GLN B 510 -26.40 13.61 -8.96
N PHE B 511 -26.06 13.07 -10.15
CA PHE B 511 -26.72 13.48 -11.39
C PHE B 511 -28.20 13.15 -11.34
N HIS B 512 -28.51 11.92 -10.94
CA HIS B 512 -29.89 11.44 -10.87
C HIS B 512 -30.73 12.31 -9.97
N GLU B 513 -30.22 12.59 -8.77
CA GLU B 513 -30.91 13.48 -7.85
C GLU B 513 -31.22 14.83 -8.50
N ALA B 514 -30.23 15.43 -9.17
CA ALA B 514 -30.41 16.75 -9.77
C ALA B 514 -31.42 16.74 -10.90
N LEU B 515 -31.37 15.73 -11.77
CA LEU B 515 -32.27 15.65 -12.91
C LEU B 515 -33.69 15.33 -12.48
N CYS B 516 -33.82 14.51 -11.45
CA CYS B 516 -35.14 14.21 -10.91
C CYS B 516 -35.78 15.47 -10.33
N LYS B 517 -35.01 16.26 -9.58
CA LYS B 517 -35.54 17.51 -9.07
C LYS B 517 -35.88 18.46 -10.20
N GLU B 518 -35.01 18.54 -11.22
CA GLU B 518 -35.30 19.38 -12.37
C GLU B 518 -36.59 18.94 -13.05
N ALA B 519 -36.83 17.64 -13.11
CA ALA B 519 -37.98 17.11 -13.82
C ALA B 519 -39.27 17.29 -13.03
N GLY B 520 -39.20 17.84 -11.81
CA GLY B 520 -40.38 18.04 -11.00
C GLY B 520 -40.81 16.83 -10.20
N TYR B 521 -39.95 15.82 -10.07
CA TYR B 521 -40.33 14.62 -9.36
C TYR B 521 -40.17 14.83 -7.85
N GLU B 522 -41.19 14.42 -7.06
CA GLU B 522 -41.20 14.70 -5.64
C GLU B 522 -41.47 13.47 -4.78
N GLY B 523 -41.17 12.28 -5.27
CA GLY B 523 -41.26 11.08 -4.46
C GLY B 523 -39.90 10.50 -4.11
N PRO B 524 -39.88 9.24 -3.68
CA PRO B 524 -38.60 8.60 -3.35
C PRO B 524 -37.66 8.59 -4.55
N LEU B 525 -36.39 8.90 -4.28
CA LEU B 525 -35.43 9.10 -5.35
C LEU B 525 -35.28 7.85 -6.23
N HIS B 526 -35.37 6.67 -5.62
CA HIS B 526 -35.21 5.43 -6.37
C HIS B 526 -36.42 5.07 -7.22
N GLN B 527 -37.55 5.79 -7.09
CA GLN B 527 -38.68 5.58 -7.97
C GLN B 527 -38.77 6.65 -9.06
N CYS B 528 -37.77 7.51 -9.16
CA CYS B 528 -37.79 8.56 -10.18
C CYS B 528 -37.50 7.95 -11.55
N ASP B 529 -38.25 8.41 -12.55
CA ASP B 529 -38.05 8.08 -13.95
C ASP B 529 -38.10 9.39 -14.72
N ILE B 530 -36.97 9.84 -15.26
CA ILE B 530 -36.93 11.12 -15.98
C ILE B 530 -37.40 11.01 -17.42
N TYR B 531 -37.84 9.84 -17.85
CA TYR B 531 -38.38 9.63 -19.19
C TYR B 531 -39.34 10.74 -19.56
N ARG B 532 -39.13 11.30 -20.76
CA ARG B 532 -39.94 12.35 -21.35
C ARG B 532 -39.86 13.68 -20.63
N SER B 533 -38.91 13.86 -19.71
CA SER B 533 -38.71 15.16 -19.08
C SER B 533 -37.80 16.02 -19.94
N THR B 534 -38.37 16.95 -20.69
CA THR B 534 -37.57 17.85 -21.51
C THR B 534 -36.77 18.81 -20.63
N LYS B 535 -37.28 19.16 -19.45
CA LYS B 535 -36.50 19.99 -18.54
C LYS B 535 -35.24 19.27 -18.07
N ALA B 536 -35.38 17.98 -17.69
CA ALA B 536 -34.20 17.20 -17.36
C ALA B 536 -33.25 17.10 -18.53
N GLY B 537 -33.80 16.91 -19.74
CA GLY B 537 -32.94 16.79 -20.91
C GLY B 537 -32.11 18.04 -21.15
N ALA B 538 -32.71 19.22 -20.94
CA ALA B 538 -31.98 20.47 -21.15
C ALA B 538 -30.85 20.60 -20.15
N LYS B 539 -31.09 20.21 -18.90
CA LYS B 539 -30.02 20.27 -17.91
C LYS B 539 -28.89 19.31 -18.25
N LEU B 540 -29.22 18.08 -18.67
CA LEU B 540 -28.17 17.17 -19.09
C LEU B 540 -27.46 17.70 -20.34
N ARG B 541 -28.22 18.29 -21.27
CA ARG B 541 -27.63 18.76 -22.51
C ARG B 541 -26.52 19.78 -22.24
N LYS B 542 -26.68 20.62 -21.23
CA LYS B 542 -25.68 21.62 -20.92
C LYS B 542 -24.36 20.98 -20.52
N VAL B 543 -24.42 19.93 -19.70
CA VAL B 543 -23.22 19.20 -19.33
C VAL B 543 -22.58 18.60 -20.57
N LEU B 544 -23.38 17.92 -21.38
CA LEU B 544 -22.81 17.17 -22.50
C LEU B 544 -22.11 18.09 -23.49
N ARG B 545 -22.68 19.27 -23.75
CA ARG B 545 -22.12 20.16 -24.74
C ARG B 545 -20.83 20.85 -24.29
N ALA B 546 -20.48 20.76 -23.00
CA ALA B 546 -19.27 21.42 -22.49
C ALA B 546 -18.01 20.60 -22.71
N GLY B 547 -18.12 19.31 -22.99
CA GLY B 547 -16.94 18.48 -23.13
C GLY B 547 -16.02 18.70 -21.95
N SER B 548 -14.72 18.81 -22.24
CA SER B 548 -13.72 19.14 -21.23
C SER B 548 -13.25 20.57 -21.35
N SER B 549 -14.13 21.47 -21.80
CA SER B 549 -13.72 22.85 -22.01
C SER B 549 -13.65 23.63 -20.71
N ARG B 550 -14.20 23.11 -19.63
CA ARG B 550 -14.24 23.79 -18.33
C ARG B 550 -13.91 22.78 -17.24
N PRO B 551 -13.47 23.26 -16.07
CA PRO B 551 -13.12 22.33 -14.99
C PRO B 551 -14.35 21.54 -14.55
N TRP B 552 -14.14 20.24 -14.32
CA TRP B 552 -15.29 19.41 -13.96
C TRP B 552 -15.94 19.90 -12.66
N GLN B 553 -15.14 20.46 -11.75
CA GLN B 553 -15.68 20.97 -10.50
C GLN B 553 -16.79 22.00 -10.74
N GLU B 554 -16.63 22.85 -11.75
CA GLU B 554 -17.59 23.93 -12.00
C GLU B 554 -18.77 23.51 -12.87
N VAL B 555 -18.58 22.57 -13.80
CA VAL B 555 -19.71 21.98 -14.50
C VAL B 555 -20.63 21.28 -13.51
N LEU B 556 -20.03 20.54 -12.57
CA LEU B 556 -20.81 19.83 -11.58
C LEU B 556 -21.65 20.79 -10.76
N LYS B 557 -21.07 21.92 -10.36
CA LYS B 557 -21.82 22.90 -9.57
C LYS B 557 -23.03 23.41 -10.33
N ASP B 558 -22.86 23.73 -11.63
CA ASP B 558 -23.98 24.26 -12.39
C ASP B 558 -25.13 23.25 -12.46
N MET B 559 -24.81 21.96 -12.54
CA MET B 559 -25.82 20.93 -12.72
C MET B 559 -26.43 20.49 -11.40
N VAL B 560 -25.58 20.27 -10.40
CA VAL B 560 -25.95 19.60 -9.17
C VAL B 560 -25.97 20.54 -7.97
N GLY B 561 -25.31 21.69 -8.05
CA GLY B 561 -25.23 22.61 -6.93
C GLY B 561 -24.08 22.36 -5.98
N LEU B 562 -23.21 21.38 -6.27
CA LEU B 562 -22.02 21.12 -5.47
C LEU B 562 -20.84 21.00 -6.41
N ASP B 563 -19.64 21.23 -5.87
CA ASP B 563 -18.43 21.22 -6.68
C ASP B 563 -17.51 20.04 -6.33
N ALA B 564 -18.05 18.96 -5.77
CA ALA B 564 -17.24 17.81 -5.44
C ALA B 564 -18.06 16.54 -5.57
N LEU B 565 -17.36 15.41 -5.72
CA LEU B 565 -17.98 14.10 -5.53
C LEU B 565 -18.55 14.04 -4.12
N ASP B 566 -19.77 13.54 -4.01
CA ASP B 566 -20.50 13.49 -2.75
C ASP B 566 -21.28 12.19 -2.71
N ALA B 567 -21.09 11.43 -1.64
CA ALA B 567 -21.78 10.15 -1.48
C ALA B 567 -23.19 10.30 -0.94
N GLN B 568 -23.61 11.50 -0.56
CA GLN B 568 -24.93 11.63 0.08
C GLN B 568 -26.07 11.24 -0.85
N PRO B 569 -26.09 11.59 -2.13
CA PRO B 569 -27.21 11.14 -2.97
C PRO B 569 -27.27 9.62 -3.11
N LEU B 570 -26.12 8.95 -3.27
CA LEU B 570 -26.12 7.49 -3.30
C LEU B 570 -26.64 6.92 -1.99
N LEU B 571 -26.21 7.47 -0.85
CA LEU B 571 -26.70 6.99 0.44
C LEU B 571 -28.21 7.23 0.58
N LYS B 572 -28.68 8.40 0.16
CA LYS B 572 -30.12 8.68 0.17
C LYS B 572 -30.87 7.67 -0.68
N TYR B 573 -30.34 7.37 -1.86
CA TYR B 573 -31.02 6.45 -2.76
C TYR B 573 -31.23 5.09 -2.11
N PHE B 574 -30.20 4.57 -1.44
CA PHE B 574 -30.23 3.23 -0.89
C PHE B 574 -30.71 3.16 0.56
N GLN B 575 -31.01 4.30 1.17
CA GLN B 575 -31.23 4.37 2.62
C GLN B 575 -32.13 3.25 3.14
N LEU B 576 -33.22 2.97 2.43
CA LEU B 576 -34.17 1.96 2.93
C LEU B 576 -33.51 0.58 3.02
N VAL B 577 -32.77 0.20 1.98
CA VAL B 577 -32.22 -1.16 1.97
C VAL B 577 -30.96 -1.22 2.82
N THR B 578 -30.25 -0.10 2.97
CA THR B 578 -29.15 -0.02 3.91
C THR B 578 -29.63 -0.35 5.32
N GLN B 579 -30.72 0.29 5.73
CA GLN B 579 -31.27 0.00 7.04
C GLN B 579 -31.76 -1.44 7.14
N TRP B 580 -32.47 -1.90 6.11
CA TRP B 580 -33.00 -3.25 6.10
C TRP B 580 -31.90 -4.29 6.14
N LEU B 581 -30.81 -4.09 5.38
CA LEU B 581 -29.76 -5.09 5.38
C LEU B 581 -29.06 -5.14 6.74
N GLN B 582 -28.83 -3.98 7.36
CA GLN B 582 -28.27 -3.94 8.70
C GLN B 582 -29.13 -4.72 9.67
N GLU B 583 -30.43 -4.45 9.67
CA GLU B 583 -31.35 -5.15 10.57
C GLU B 583 -31.33 -6.65 10.30
N GLN B 584 -31.39 -7.05 9.04
CA GLN B 584 -31.40 -8.48 8.70
C GLN B 584 -30.13 -9.17 9.19
N ASN B 585 -28.96 -8.58 8.89
CA ASN B 585 -27.71 -9.19 9.30
C ASN B 585 -27.63 -9.33 10.82
N GLN B 586 -28.03 -8.28 11.55
CA GLN B 586 -28.02 -8.36 13.02
C GLN B 586 -28.93 -9.48 13.49
N GLN B 587 -30.17 -9.52 12.98
CA GLN B 587 -31.09 -10.56 13.38
C GLN B 587 -30.55 -11.95 13.05
N ASN B 588 -29.71 -12.07 12.04
CA ASN B 588 -29.16 -13.37 11.68
C ASN B 588 -27.83 -13.65 12.37
N GLY B 589 -27.34 -12.72 13.18
CA GLY B 589 -26.06 -12.91 13.85
C GLY B 589 -24.89 -13.06 12.90
N GLU B 590 -24.87 -12.29 11.82
CA GLU B 590 -23.73 -12.32 10.91
C GLU B 590 -22.54 -11.59 11.51
N VAL B 591 -21.35 -12.02 11.11
CA VAL B 591 -20.16 -11.19 11.27
C VAL B 591 -20.00 -10.38 9.99
N LEU B 592 -19.91 -9.07 10.15
CA LEU B 592 -19.58 -8.21 9.03
C LEU B 592 -18.08 -8.32 8.78
N GLY B 593 -17.70 -8.56 7.53
CA GLY B 593 -16.32 -8.75 7.21
C GLY B 593 -15.96 -10.22 7.07
N TRP B 594 -14.66 -10.46 6.93
CA TRP B 594 -14.15 -11.80 6.66
C TRP B 594 -12.90 -12.04 7.50
N PRO B 595 -13.08 -12.21 8.81
CA PRO B 595 -11.92 -12.34 9.70
C PRO B 595 -11.11 -13.58 9.45
N GLU B 596 -11.70 -14.63 8.88
CA GLU B 596 -10.92 -15.78 8.41
C GLU B 596 -10.39 -15.51 7.01
N TYR B 597 -9.45 -14.55 6.96
CA TYR B 597 -8.93 -14.00 5.71
C TYR B 597 -8.04 -14.98 4.95
N GLN B 598 -7.52 -16.00 5.62
CA GLN B 598 -6.70 -17.04 5.01
C GLN B 598 -7.53 -18.12 4.33
N TRP B 599 -8.84 -18.15 4.57
CA TRP B 599 -9.65 -19.27 4.15
C TRP B 599 -9.78 -19.32 2.63
N HIS B 600 -9.63 -20.52 2.08
CA HIS B 600 -10.01 -20.80 0.70
C HIS B 600 -10.89 -22.04 0.69
N PRO B 601 -11.79 -22.16 -0.28
CA PRO B 601 -12.64 -23.34 -0.35
C PRO B 601 -11.82 -24.53 -0.84
N PRO B 602 -12.25 -25.74 -0.56
CA PRO B 602 -11.58 -26.92 -1.13
C PRO B 602 -12.01 -27.14 -2.57
N LEU B 603 -11.29 -28.03 -3.24
CA LEU B 603 -11.68 -28.42 -4.59
C LEU B 603 -12.84 -29.42 -4.54
N PRO B 604 -13.70 -29.40 -5.57
CA PRO B 604 -14.66 -30.51 -5.72
C PRO B 604 -13.92 -31.85 -5.72
N ASP B 605 -14.62 -32.89 -5.26
CA ASP B 605 -14.02 -34.23 -5.18
C ASP B 605 -13.40 -34.64 -6.51
N ASN B 606 -14.16 -34.45 -7.59
CA ASN B 606 -13.78 -34.96 -8.90
C ASN B 606 -12.90 -33.99 -9.70
N TYR B 607 -12.50 -32.88 -9.11
CA TYR B 607 -11.85 -31.86 -9.91
C TYR B 607 -10.52 -32.35 -10.44
N PRO B 608 -10.12 -31.95 -11.66
CA PRO B 608 -10.89 -31.17 -12.65
C PRO B 608 -11.96 -31.97 -13.36
#